data_6U5H
#
_entry.id   6U5H
#
_cell.length_a   1.00
_cell.length_b   1.00
_cell.length_c   1.00
_cell.angle_alpha   90.00
_cell.angle_beta   90.00
_cell.angle_gamma   90.00
#
_symmetry.space_group_name_H-M   'P 1'
#
_entity_poly.entity_id   1
_entity_poly.type   'polypeptide(L)'
_entity_poly.pdbx_seq_one_letter_code
;MQPSFRIVADGTDVTQRLNDRLLKLTLLDKPGMESDSLTLRIDDRDGQVALPRRGAVLEVHLGYAGEPLMRMGRFTVDTL
QWAGPPDCLTVTAKAGDMRGSGKTIRSGGWEGTTLAQVCRDVGARNGWRVECPLQVAIARVDQVNESDYHFVTRLARQYD
CTAKLAEGMLMVLPRQSGQSATGRRIEPLVLGRADVGSFDVTFDDRSLMRTVKTRYQLPGSGEVKSVELKNPKAPATAMG
EHVDRHLYTSRGEAEQAAKARLASFSRSSASVRLELPGRGDLFAERSLLLQGFKAGIDGEFLIDSVEHTYSSSGWTTVVQ
CNGGRGGKG
;
_entity_poly.pdbx_strand_id   C,B,A
#
# COMPACT_ATOMS: atom_id res chain seq x y z
N MET A 1 -15.07 24.24 -31.98
CA MET A 1 -14.56 23.23 -31.06
C MET A 1 -13.70 22.22 -31.79
N GLN A 2 -12.39 22.42 -31.75
CA GLN A 2 -11.45 21.52 -32.41
C GLN A 2 -10.10 21.60 -31.73
N PRO A 3 -9.74 20.62 -30.90
CA PRO A 3 -8.45 20.67 -30.19
C PRO A 3 -7.27 20.42 -31.13
N SER A 4 -6.19 21.17 -30.89
CA SER A 4 -4.97 21.02 -31.65
C SER A 4 -3.80 21.01 -30.68
N PHE A 5 -2.60 20.74 -31.21
CA PHE A 5 -1.43 20.54 -30.37
C PHE A 5 -0.18 20.83 -31.19
N ARG A 6 0.84 21.38 -30.53
CA ARG A 6 2.13 21.64 -31.17
C ARG A 6 3.21 21.08 -30.25
N ILE A 7 3.82 19.98 -30.67
CA ILE A 7 4.86 19.30 -29.88
C ILE A 7 6.20 19.72 -30.48
N VAL A 8 6.83 20.73 -29.87
CA VAL A 8 8.10 21.24 -30.34
C VAL A 8 9.19 20.36 -29.73
N ALA A 9 9.98 19.71 -30.60
CA ALA A 9 10.95 18.74 -30.13
C ALA A 9 12.36 19.31 -30.08
N ASP A 10 12.61 20.40 -30.80
CA ASP A 10 13.90 21.11 -30.86
C ASP A 10 15.06 20.21 -31.31
N GLY A 11 14.78 19.24 -32.15
CA GLY A 11 15.82 18.33 -32.59
C GLY A 11 15.23 17.15 -33.34
N THR A 12 16.02 16.07 -33.40
CA THR A 12 15.64 14.87 -34.14
C THR A 12 15.05 13.84 -33.16
N ASP A 13 13.95 14.22 -32.52
CA ASP A 13 13.23 13.27 -31.68
C ASP A 13 12.48 12.27 -32.54
N VAL A 14 11.47 12.74 -33.27
CA VAL A 14 10.92 12.07 -34.44
C VAL A 14 10.83 13.23 -35.42
N THR A 15 10.74 12.97 -36.73
CA THR A 15 10.69 14.06 -37.72
C THR A 15 9.28 14.63 -37.84
N GLN A 16 8.77 15.18 -36.72
CA GLN A 16 7.42 15.76 -36.59
C GLN A 16 6.31 14.82 -37.05
N ARG A 17 6.52 13.52 -36.83
CA ARG A 17 5.50 12.52 -37.10
C ARG A 17 4.54 12.38 -35.93
N LEU A 18 4.86 13.03 -34.81
CA LEU A 18 3.99 12.99 -33.63
C LEU A 18 2.71 13.75 -33.88
N ASN A 19 2.72 14.70 -34.81
CA ASN A 19 1.50 15.41 -35.20
C ASN A 19 0.52 14.47 -35.90
N ASP A 20 1.02 13.39 -36.50
CA ASP A 20 0.19 12.50 -37.28
C ASP A 20 -0.30 11.31 -36.45
N ARG A 21 0.48 10.87 -35.47
CA ARG A 21 0.32 9.55 -34.88
C ARG A 21 -0.04 9.54 -33.40
N LEU A 22 -0.53 10.63 -32.82
CA LEU A 22 -0.92 10.55 -31.43
C LEU A 22 -2.22 9.77 -31.26
N LEU A 23 -2.43 9.28 -30.05
CA LEU A 23 -3.70 8.69 -29.68
C LEU A 23 -4.31 9.27 -28.40
N LYS A 24 -3.52 9.55 -27.38
CA LYS A 24 -4.02 10.12 -26.13
C LYS A 24 -2.98 11.08 -25.57
N LEU A 25 -3.33 11.70 -24.44
CA LEU A 25 -2.46 12.56 -23.67
C LEU A 25 -2.88 12.50 -22.21
N THR A 26 -1.92 12.74 -21.32
CA THR A 26 -2.23 13.23 -19.98
C THR A 26 -1.26 14.35 -19.66
N LEU A 27 -1.62 15.16 -18.68
CA LEU A 27 -0.72 16.12 -18.08
C LEU A 27 -0.95 16.11 -16.57
N LEU A 28 -0.06 16.78 -15.86
CA LEU A 28 -0.25 17.05 -14.44
C LEU A 28 0.27 18.44 -14.17
N ASP A 29 -0.14 18.99 -13.04
CA ASP A 29 0.56 20.12 -12.40
C ASP A 29 0.60 19.78 -10.91
N LYS A 30 1.59 18.98 -10.52
CA LYS A 30 1.64 18.52 -9.13
C LYS A 30 2.70 19.27 -8.35
N PRO A 31 2.30 20.02 -7.31
CA PRO A 31 3.27 20.50 -6.33
C PRO A 31 3.77 19.41 -5.40
N GLY A 32 2.95 18.40 -5.10
CA GLY A 32 3.32 17.42 -4.11
C GLY A 32 3.88 16.13 -4.68
N MET A 33 5.13 15.83 -4.30
CA MET A 33 5.78 14.52 -4.38
C MET A 33 6.14 14.07 -5.79
N GLU A 34 5.70 14.79 -6.82
CA GLU A 34 5.96 14.42 -8.21
C GLU A 34 6.11 15.69 -9.04
N SER A 35 6.56 15.50 -10.27
CA SER A 35 6.63 16.55 -11.28
C SER A 35 5.41 16.45 -12.20
N ASP A 36 5.44 17.19 -13.30
CA ASP A 36 4.43 16.97 -14.33
C ASP A 36 4.76 15.70 -15.10
N SER A 37 3.81 15.26 -15.93
CA SER A 37 4.00 14.02 -16.68
C SER A 37 3.17 14.05 -17.94
N LEU A 38 3.84 14.19 -19.09
CA LEU A 38 3.20 13.83 -20.34
C LEU A 38 2.95 12.34 -20.42
N THR A 39 1.96 11.97 -21.20
CA THR A 39 1.90 10.64 -21.80
C THR A 39 1.55 10.81 -23.27
N LEU A 40 2.08 9.91 -24.08
CA LEU A 40 1.75 9.85 -25.49
C LEU A 40 1.31 8.43 -25.78
N ARG A 41 0.51 8.24 -26.82
CA ARG A 41 0.27 6.91 -27.36
C ARG A 41 0.37 7.01 -28.87
N ILE A 42 1.29 6.24 -29.45
CA ILE A 42 1.70 6.41 -30.83
C ILE A 42 1.48 5.10 -31.58
N ASP A 43 0.92 5.20 -32.79
CA ASP A 43 0.69 4.03 -33.62
C ASP A 43 1.99 3.41 -34.11
N ASP A 44 1.87 2.20 -34.64
CA ASP A 44 2.88 1.57 -35.47
C ASP A 44 2.20 0.95 -36.68
N ARG A 45 2.76 1.20 -37.86
CA ARG A 45 2.45 0.38 -39.02
C ARG A 45 3.57 -0.64 -39.23
N ASP A 46 3.61 -1.57 -38.28
CA ASP A 46 4.65 -2.60 -38.15
C ASP A 46 6.05 -1.97 -38.06
N GLY A 47 6.13 -0.86 -37.35
CA GLY A 47 7.40 -0.21 -37.07
C GLY A 47 7.63 0.99 -37.97
N GLN A 48 7.30 2.17 -37.46
CA GLN A 48 7.56 3.41 -38.18
C GLN A 48 8.23 4.41 -37.24
N VAL A 49 7.84 4.38 -35.98
CA VAL A 49 8.35 5.32 -34.98
C VAL A 49 9.47 4.63 -34.22
N ALA A 50 10.68 5.13 -34.39
CA ALA A 50 11.82 4.59 -33.68
C ALA A 50 11.76 5.01 -32.21
N LEU A 51 12.53 4.33 -31.39
CA LEU A 51 12.64 4.70 -29.98
C LEU A 51 13.33 6.04 -29.84
N PRO A 52 12.69 7.05 -29.28
CA PRO A 52 13.28 8.41 -29.28
C PRO A 52 14.42 8.57 -28.29
N ARG A 53 15.02 9.76 -28.27
CA ARG A 53 16.10 10.05 -27.34
C ARG A 53 15.55 10.12 -25.92
N ARG A 54 16.00 9.22 -25.07
CA ARG A 54 15.56 9.19 -23.68
C ARG A 54 16.27 10.32 -22.95
N GLY A 55 15.64 11.50 -22.97
CA GLY A 55 16.28 12.71 -22.52
C GLY A 55 16.22 13.79 -23.57
N ALA A 56 15.23 13.72 -24.45
CA ALA A 56 14.99 14.74 -25.46
C ALA A 56 13.99 15.76 -24.92
N VAL A 57 14.31 17.04 -25.10
CA VAL A 57 13.45 18.11 -24.60
C VAL A 57 12.24 18.23 -25.52
N LEU A 58 11.04 18.17 -24.93
CA LEU A 58 9.81 18.37 -25.67
C LEU A 58 9.07 19.58 -25.12
N GLU A 59 8.65 20.48 -26.02
CA GLU A 59 7.81 21.61 -25.67
C GLU A 59 6.41 21.34 -26.17
N VAL A 60 5.43 21.51 -25.29
CA VAL A 60 4.04 21.13 -25.57
C VAL A 60 3.17 22.39 -25.53
N HIS A 61 2.37 22.57 -26.57
CA HIS A 61 1.34 23.58 -26.60
C HIS A 61 0.00 22.92 -26.88
N LEU A 62 -1.02 23.31 -26.12
CA LEU A 62 -2.37 22.78 -26.27
C LEU A 62 -3.36 23.92 -26.38
N GLY A 63 -4.59 23.57 -26.72
CA GLY A 63 -5.66 24.52 -26.91
C GLY A 63 -6.48 24.13 -28.12
N TYR A 64 -7.35 25.03 -28.55
CA TYR A 64 -8.27 24.77 -29.63
C TYR A 64 -7.75 25.36 -30.94
N ALA A 65 -8.16 24.77 -32.05
CA ALA A 65 -7.81 25.29 -33.37
C ALA A 65 -8.65 26.53 -33.66
N GLY A 66 -7.98 27.63 -33.99
CA GLY A 66 -8.64 28.91 -34.12
C GLY A 66 -8.54 29.81 -32.92
N GLU A 67 -7.73 29.43 -31.93
CA GLU A 67 -7.49 30.21 -30.72
C GLU A 67 -6.00 30.17 -30.44
N PRO A 68 -5.46 31.16 -29.73
CA PRO A 68 -4.05 31.09 -29.33
C PRO A 68 -3.83 30.01 -28.30
N LEU A 69 -2.79 29.20 -28.51
CA LEU A 69 -2.52 28.07 -27.65
C LEU A 69 -1.92 28.53 -26.32
N MET A 70 -2.19 27.78 -25.26
CA MET A 70 -1.74 28.17 -23.94
C MET A 70 -0.34 27.63 -23.66
N ARG A 71 0.35 28.28 -22.73
CA ARG A 71 1.60 27.77 -22.18
C ARG A 71 1.31 26.50 -21.39
N MET A 72 1.91 25.39 -21.80
CA MET A 72 1.65 24.14 -21.13
C MET A 72 2.86 23.56 -20.43
N GLY A 73 4.07 23.90 -20.86
CA GLY A 73 5.28 23.46 -20.20
C GLY A 73 6.27 22.85 -21.19
N ARG A 74 7.43 22.49 -20.64
CA ARG A 74 8.49 21.84 -21.37
C ARG A 74 8.86 20.55 -20.66
N PHE A 75 9.21 19.52 -21.44
CA PHE A 75 9.28 18.17 -20.90
C PHE A 75 10.48 17.41 -21.48
N THR A 76 10.97 16.43 -20.72
CA THR A 76 12.09 15.57 -21.14
C THR A 76 11.71 14.11 -20.92
N VAL A 77 11.89 13.30 -21.97
CA VAL A 77 11.39 11.92 -21.99
C VAL A 77 12.18 11.04 -21.04
N ASP A 78 11.48 10.29 -20.19
CA ASP A 78 12.13 9.32 -19.32
C ASP A 78 11.72 7.87 -19.62
N THR A 79 10.44 7.52 -19.55
CA THR A 79 10.05 6.12 -19.64
C THR A 79 9.31 5.83 -20.94
N LEU A 80 9.41 4.59 -21.39
CA LEU A 80 8.84 4.16 -22.66
C LEU A 80 8.26 2.76 -22.50
N GLN A 81 7.09 2.53 -23.10
CA GLN A 81 6.52 1.18 -23.08
C GLN A 81 6.20 0.69 -24.48
N TRP A 82 5.52 -0.45 -24.57
CA TRP A 82 4.95 -0.94 -25.82
C TRP A 82 3.61 -1.59 -25.51
N ALA A 83 3.05 -2.28 -26.48
CA ALA A 83 1.78 -2.94 -26.28
C ALA A 83 1.74 -4.18 -27.17
N GLY A 84 0.57 -4.82 -27.19
CA GLY A 84 0.41 -6.10 -27.83
C GLY A 84 0.00 -5.98 -29.28
N PRO A 85 -1.24 -6.36 -29.58
CA PRO A 85 -1.74 -6.25 -30.96
C PRO A 85 -1.78 -4.84 -31.52
N PRO A 86 -2.27 -3.78 -30.84
CA PRO A 86 -2.34 -2.50 -31.54
C PRO A 86 -1.02 -1.75 -31.65
N ASP A 87 0.04 -2.20 -30.95
CA ASP A 87 1.39 -1.62 -30.98
C ASP A 87 1.40 -0.15 -30.58
N CYS A 88 1.09 0.07 -29.31
CA CYS A 88 1.06 1.42 -28.75
C CYS A 88 2.46 1.82 -28.27
N LEU A 89 2.52 2.94 -27.54
CA LEU A 89 3.69 3.45 -26.85
C LEU A 89 3.19 4.28 -25.67
N THR A 90 4.03 4.49 -24.66
CA THR A 90 3.76 5.51 -23.65
C THR A 90 5.05 6.30 -23.49
N VAL A 91 5.22 7.33 -24.32
CA VAL A 91 6.39 8.18 -24.23
C VAL A 91 6.11 9.21 -23.13
N THR A 92 6.47 8.87 -21.89
CA THR A 92 6.22 9.78 -20.78
C THR A 92 7.41 10.69 -20.59
N ALA A 93 7.15 11.84 -19.98
CA ALA A 93 8.18 12.87 -19.89
C ALA A 93 7.95 13.73 -18.66
N LYS A 94 9.02 14.01 -17.93
CA LYS A 94 8.94 14.74 -16.68
C LYS A 94 9.34 16.20 -16.90
N ALA A 95 9.50 16.95 -15.80
CA ALA A 95 9.43 18.41 -15.87
C ALA A 95 10.72 19.05 -16.38
N GLY A 96 11.83 18.82 -15.68
CA GLY A 96 13.00 19.68 -15.84
C GLY A 96 13.73 19.47 -17.15
N ASP A 97 14.09 20.58 -17.80
CA ASP A 97 14.72 20.54 -19.12
C ASP A 97 16.20 20.21 -19.04
N MET A 98 16.96 21.05 -18.32
CA MET A 98 18.40 20.84 -18.19
C MET A 98 18.73 19.61 -17.37
N ARG A 99 17.85 19.24 -16.44
CA ARG A 99 17.99 18.02 -15.65
C ARG A 99 16.65 17.32 -15.61
N GLY A 100 16.60 16.10 -16.14
CA GLY A 100 15.39 15.30 -16.13
C GLY A 100 15.42 14.27 -15.03
N SER A 101 15.75 13.02 -15.40
CA SER A 101 15.93 11.94 -14.44
C SER A 101 17.40 11.60 -14.24
N GLY A 102 18.30 12.56 -14.47
CA GLY A 102 19.72 12.30 -14.33
C GLY A 102 20.46 13.51 -13.77
N LYS A 103 21.61 13.21 -13.15
CA LYS A 103 22.59 14.19 -12.66
C LYS A 103 22.01 15.11 -11.58
N THR A 104 21.20 14.58 -10.67
CA THR A 104 20.58 15.40 -9.63
C THR A 104 20.88 14.88 -8.22
N ILE A 105 21.81 13.93 -8.10
CA ILE A 105 21.91 13.13 -6.87
C ILE A 105 23.25 13.47 -6.20
N ARG A 106 23.65 14.73 -6.27
CA ARG A 106 24.79 15.23 -5.52
C ARG A 106 24.30 15.95 -4.27
N SER A 107 24.65 15.41 -3.11
CA SER A 107 24.11 15.85 -1.82
C SER A 107 25.23 16.46 -0.97
N GLY A 108 24.86 16.90 0.21
CA GLY A 108 25.83 17.48 1.12
C GLY A 108 25.17 17.97 2.39
N GLY A 109 25.95 18.73 3.17
CA GLY A 109 25.45 19.30 4.40
C GLY A 109 25.91 20.75 4.56
N TRP A 110 25.10 21.50 5.30
CA TRP A 110 25.32 22.93 5.50
C TRP A 110 25.74 23.21 6.93
N GLU A 111 26.22 24.44 7.15
CA GLU A 111 26.75 24.85 8.44
C GLU A 111 25.68 25.61 9.21
N GLY A 112 26.09 26.23 10.32
CA GLY A 112 25.13 26.93 11.17
C GLY A 112 24.71 28.26 10.60
N THR A 113 25.65 28.98 9.98
CA THR A 113 25.37 30.30 9.41
C THR A 113 24.85 30.16 7.99
N THR A 114 23.70 29.48 7.88
CA THR A 114 23.00 29.29 6.61
C THR A 114 21.55 29.73 6.82
N LEU A 115 21.19 30.87 6.23
CA LEU A 115 19.81 31.34 6.26
C LEU A 115 18.95 30.40 5.42
N ALA A 116 18.01 29.72 6.07
CA ALA A 116 17.26 28.66 5.43
C ALA A 116 16.34 29.20 4.35
N GLN A 117 16.20 28.41 3.29
CA GLN A 117 15.41 28.70 2.08
C GLN A 117 15.91 29.94 1.33
N VAL A 118 17.14 30.36 1.61
CA VAL A 118 17.90 31.30 0.79
C VAL A 118 19.24 30.66 0.50
N CYS A 119 19.92 30.22 1.56
CA CYS A 119 21.15 29.44 1.44
C CYS A 119 20.88 27.95 1.22
N ARG A 120 19.63 27.56 0.96
CA ARG A 120 19.28 26.20 0.61
C ARG A 120 18.96 26.03 -0.86
N ASP A 121 18.26 26.97 -1.48
CA ASP A 121 17.86 26.88 -2.88
C ASP A 121 18.41 28.01 -3.73
N VAL A 122 18.36 29.24 -3.24
CA VAL A 122 18.92 30.36 -3.99
C VAL A 122 20.45 30.33 -3.89
N GLY A 123 20.97 30.05 -2.70
CA GLY A 123 22.40 30.07 -2.48
C GLY A 123 23.10 28.73 -2.46
N ALA A 124 22.40 27.63 -2.76
CA ALA A 124 23.05 26.33 -2.73
C ALA A 124 22.82 25.51 -4.00
N ARG A 125 21.66 25.66 -4.63
CA ARG A 125 21.31 24.85 -5.79
C ARG A 125 21.79 25.44 -7.11
N ASN A 126 22.60 26.49 -7.08
CA ASN A 126 23.15 27.09 -8.28
C ASN A 126 24.49 26.50 -8.68
N GLY A 127 25.10 25.68 -7.82
CA GLY A 127 26.38 25.06 -8.11
C GLY A 127 26.26 23.67 -8.68
N TRP A 128 25.54 23.54 -9.80
CA TRP A 128 25.31 22.28 -10.51
C TRP A 128 24.62 21.24 -9.63
N ARG A 129 23.39 21.56 -9.24
CA ARG A 129 22.53 20.69 -8.43
C ARG A 129 21.28 20.34 -9.22
N VAL A 130 20.28 19.80 -8.49
CA VAL A 130 19.04 19.17 -8.94
C VAL A 130 18.36 19.90 -10.09
N GLU A 131 18.10 21.19 -9.89
CA GLU A 131 17.54 22.06 -10.91
C GLU A 131 17.90 23.49 -10.54
N CYS A 132 18.68 24.14 -11.38
CA CYS A 132 19.49 25.27 -10.92
C CYS A 132 18.71 26.55 -10.58
N PRO A 133 17.90 27.16 -11.48
CA PRO A 133 17.48 28.54 -11.16
C PRO A 133 16.25 28.64 -10.29
N LEU A 134 15.82 27.56 -9.63
CA LEU A 134 14.63 27.66 -8.79
C LEU A 134 14.96 28.33 -7.46
N GLN A 135 14.01 29.15 -7.00
CA GLN A 135 14.23 30.08 -5.90
C GLN A 135 13.09 29.96 -4.90
N VAL A 136 13.35 30.44 -3.68
CA VAL A 136 12.35 30.53 -2.63
C VAL A 136 12.35 31.96 -2.11
N ALA A 137 11.18 32.58 -2.04
CA ALA A 137 11.07 33.96 -1.58
C ALA A 137 10.90 34.09 -0.07
N ILE A 138 11.23 33.05 0.69
CA ILE A 138 11.23 33.15 2.15
C ILE A 138 12.66 33.41 2.61
N ALA A 139 12.86 34.54 3.29
CA ALA A 139 14.18 35.01 3.72
C ALA A 139 14.17 35.31 5.21
N ARG A 140 13.68 34.36 6.00
CA ARG A 140 13.56 34.57 7.44
C ARG A 140 14.91 34.35 8.14
N VAL A 141 15.00 34.87 9.35
CA VAL A 141 16.23 34.83 10.14
C VAL A 141 16.42 33.40 10.65
N ASP A 142 17.38 32.67 10.08
CA ASP A 142 17.61 31.27 10.38
C ASP A 142 19.10 31.05 10.56
N GLN A 143 19.55 30.99 11.81
CA GLN A 143 20.95 30.74 12.14
C GLN A 143 21.09 29.47 12.95
N VAL A 144 20.41 28.41 12.51
CA VAL A 144 20.35 27.14 13.21
C VAL A 144 21.30 26.18 12.51
N ASN A 145 21.99 25.34 13.30
CA ASN A 145 22.77 24.23 12.76
C ASN A 145 21.87 23.27 12.00
N GLU A 146 21.99 23.24 10.68
CA GLU A 146 21.10 22.45 9.84
C GLU A 146 21.88 21.87 8.67
N SER A 147 21.60 20.60 8.36
CA SER A 147 22.31 19.88 7.32
C SER A 147 21.51 18.65 6.94
N ASP A 148 21.66 18.23 5.69
CA ASP A 148 21.19 16.94 5.24
C ASP A 148 22.26 15.91 5.56
N TYR A 149 21.93 14.92 6.40
CA TYR A 149 22.91 13.91 6.76
C TYR A 149 23.23 13.01 5.56
N HIS A 150 22.24 12.25 5.11
CA HIS A 150 22.29 11.65 3.77
C HIS A 150 20.85 11.44 3.32
N PHE A 151 20.36 12.38 2.52
CA PHE A 151 19.04 12.30 1.91
C PHE A 151 19.20 12.32 0.40
N VAL A 152 18.28 11.64 -0.29
CA VAL A 152 18.14 11.84 -1.73
C VAL A 152 17.78 13.30 -1.94
N THR A 153 18.42 13.93 -2.92
CA THR A 153 18.37 15.39 -3.05
C THR A 153 17.01 15.92 -3.48
N ARG A 154 16.13 15.07 -4.00
CA ARG A 154 14.74 15.44 -4.20
C ARG A 154 13.86 15.08 -3.01
N LEU A 155 14.32 14.18 -2.15
CA LEU A 155 13.71 13.98 -0.84
C LEU A 155 14.32 14.89 0.21
N ALA A 156 15.52 15.43 -0.05
CA ALA A 156 16.13 16.41 0.85
C ALA A 156 15.40 17.74 0.82
N ARG A 157 14.67 18.02 -0.26
CA ARG A 157 13.72 19.12 -0.25
C ARG A 157 12.49 18.77 0.60
N GLN A 158 12.20 17.48 0.75
CA GLN A 158 10.98 17.07 1.43
C GLN A 158 11.20 16.79 2.91
N TYR A 159 12.28 16.10 3.27
CA TYR A 159 12.50 15.77 4.68
C TYR A 159 12.94 16.98 5.51
N ASP A 160 13.47 18.03 4.89
CA ASP A 160 13.96 19.17 5.65
C ASP A 160 13.58 20.54 5.11
N CYS A 161 13.09 20.67 3.88
CA CYS A 161 12.93 21.99 3.29
C CYS A 161 11.49 22.36 2.97
N THR A 162 10.78 21.54 2.20
CA THR A 162 9.51 21.96 1.62
C THR A 162 8.32 21.15 2.08
N ALA A 163 8.47 20.24 3.04
CA ALA A 163 7.32 19.60 3.68
C ALA A 163 7.32 19.80 5.19
N LYS A 164 8.45 19.53 5.86
CA LYS A 164 8.49 19.67 7.31
C LYS A 164 8.69 21.13 7.71
N LEU A 165 9.68 21.80 7.11
CA LEU A 165 9.92 23.22 7.30
C LEU A 165 9.31 24.00 6.13
N ALA A 166 8.14 23.53 5.69
CA ALA A 166 7.48 24.11 4.52
C ALA A 166 6.97 25.51 4.82
N GLU A 167 6.04 25.60 5.79
CA GLU A 167 5.18 26.77 6.00
C GLU A 167 4.46 27.14 4.71
N GLY A 168 4.03 26.12 3.97
CA GLY A 168 3.22 26.30 2.77
C GLY A 168 3.92 26.11 1.44
N MET A 169 5.10 25.48 1.41
CA MET A 169 5.90 25.41 0.18
C MET A 169 5.25 24.57 -0.92
N LEU A 170 5.59 24.92 -2.17
CA LEU A 170 5.01 24.30 -3.35
C LEU A 170 5.92 23.27 -4.01
N MET A 171 7.23 23.55 -4.08
CA MET A 171 8.28 22.81 -4.80
C MET A 171 7.85 22.30 -6.18
N VAL A 172 7.16 23.15 -6.94
CA VAL A 172 6.70 22.78 -8.28
C VAL A 172 7.88 22.76 -9.23
N LEU A 173 8.25 21.56 -9.69
CA LEU A 173 9.41 21.34 -10.55
C LEU A 173 9.39 22.00 -11.95
N PRO A 174 8.29 22.09 -12.71
CA PRO A 174 8.36 22.82 -13.97
C PRO A 174 8.53 24.32 -13.77
N ARG A 175 9.10 24.96 -14.79
CA ARG A 175 9.41 26.38 -14.90
C ARG A 175 10.41 26.88 -13.87
N GLN A 176 11.01 25.97 -13.09
CA GLN A 176 12.11 26.24 -12.16
C GLN A 176 11.73 27.28 -11.11
N SER A 177 10.72 26.95 -10.30
CA SER A 177 10.24 27.85 -9.27
C SER A 177 9.50 27.07 -8.20
N GLY A 178 10.06 27.02 -6.99
CA GLY A 178 9.34 26.47 -5.86
C GLY A 178 8.97 27.55 -4.86
N GLN A 179 7.69 27.92 -4.85
CA GLN A 179 7.18 29.01 -4.04
C GLN A 179 6.41 28.48 -2.83
N SER A 180 5.76 29.39 -2.11
CA SER A 180 4.81 29.00 -1.09
C SER A 180 3.40 29.03 -1.65
N ALA A 181 2.47 28.50 -0.87
CA ALA A 181 1.06 28.47 -1.26
C ALA A 181 0.38 29.77 -0.80
N THR A 182 -0.95 29.76 -0.79
CA THR A 182 -1.82 30.89 -0.41
C THR A 182 -1.60 32.11 -1.31
N GLY A 183 -1.34 31.84 -2.59
CA GLY A 183 -1.47 32.86 -3.61
C GLY A 183 -0.44 33.97 -3.63
N ARG A 184 0.81 33.66 -3.97
CA ARG A 184 1.81 34.71 -4.15
C ARG A 184 1.59 35.53 -5.41
N ARG A 185 0.78 35.06 -6.35
CA ARG A 185 0.56 35.74 -7.62
C ARG A 185 -0.94 35.93 -7.84
N ILE A 186 -1.32 37.11 -8.31
CA ILE A 186 -2.73 37.54 -8.33
C ILE A 186 -3.40 36.94 -9.56
N GLU A 187 -4.08 35.81 -9.38
CA GLU A 187 -4.81 35.14 -10.45
C GLU A 187 -6.10 34.56 -9.90
N PRO A 188 -7.25 35.23 -10.11
CA PRO A 188 -8.55 34.61 -9.78
C PRO A 188 -9.23 33.94 -10.98
N LEU A 189 -10.26 33.13 -10.71
CA LEU A 189 -11.17 32.64 -11.74
C LEU A 189 -12.59 32.56 -11.19
N VAL A 190 -13.53 32.26 -12.08
CA VAL A 190 -14.94 32.09 -11.73
C VAL A 190 -15.45 30.83 -12.43
N LEU A 191 -16.00 29.89 -11.66
CA LEU A 191 -16.63 28.71 -12.21
C LEU A 191 -18.06 28.62 -11.72
N GLY A 192 -18.88 27.87 -12.44
CA GLY A 192 -20.28 27.75 -12.09
C GLY A 192 -20.86 26.35 -12.27
N ARG A 193 -22.14 26.28 -12.59
CA ARG A 193 -22.76 25.00 -12.95
C ARG A 193 -22.68 24.72 -14.44
N ALA A 194 -22.65 25.77 -15.26
CA ALA A 194 -22.70 25.64 -16.70
C ALA A 194 -21.32 25.47 -17.34
N ASP A 195 -20.33 25.05 -16.57
CA ASP A 195 -18.98 24.85 -17.09
C ASP A 195 -18.47 23.46 -16.74
N VAL A 196 -18.99 22.88 -15.67
CA VAL A 196 -18.35 21.79 -14.97
C VAL A 196 -19.07 20.48 -15.28
N GLY A 197 -18.30 19.44 -15.55
CA GLY A 197 -18.84 18.12 -15.82
C GLY A 197 -19.25 17.31 -14.60
N SER A 198 -18.40 17.25 -13.58
CA SER A 198 -18.68 16.42 -12.41
C SER A 198 -17.97 17.03 -11.20
N PHE A 199 -18.10 16.37 -10.04
CA PHE A 199 -17.59 16.89 -8.79
C PHE A 199 -17.12 15.75 -7.91
N ASP A 200 -16.25 16.09 -6.95
CA ASP A 200 -16.06 15.35 -5.69
C ASP A 200 -15.63 16.40 -4.67
N VAL A 201 -16.59 16.99 -3.97
CA VAL A 201 -16.31 18.05 -3.01
C VAL A 201 -16.31 17.40 -1.64
N THR A 202 -15.14 16.96 -1.20
CA THR A 202 -15.03 16.20 0.04
C THR A 202 -14.78 17.11 1.23
N PHE A 203 -14.95 16.56 2.42
CA PHE A 203 -14.59 17.24 3.65
C PHE A 203 -14.06 16.20 4.63
N ASP A 204 -13.21 16.65 5.54
CA ASP A 204 -12.64 15.78 6.56
C ASP A 204 -12.63 16.47 7.90
N ASP A 205 -13.05 15.75 8.94
CA ASP A 205 -12.86 16.18 10.31
C ASP A 205 -11.95 15.25 11.10
N ARG A 206 -11.41 14.21 10.45
CA ARG A 206 -10.34 13.44 11.06
C ARG A 206 -9.07 14.26 11.17
N SER A 207 -8.88 15.22 10.28
CA SER A 207 -7.66 16.02 10.18
C SER A 207 -7.91 17.49 10.48
N LEU A 208 -8.76 17.77 11.47
CA LEU A 208 -8.95 19.12 11.95
C LEU A 208 -7.99 19.41 13.10
N MET A 209 -7.18 20.44 12.95
CA MET A 209 -6.45 20.96 14.09
C MET A 209 -7.34 21.95 14.81
N ARG A 210 -7.01 22.20 16.08
CA ARG A 210 -7.69 23.22 16.86
C ARG A 210 -6.63 24.10 17.50
N THR A 211 -5.49 23.49 17.82
CA THR A 211 -4.21 24.16 18.06
C THR A 211 -3.15 23.39 17.30
N VAL A 212 -1.96 23.98 17.17
CA VAL A 212 -0.81 23.29 16.59
C VAL A 212 0.39 23.58 17.49
N LYS A 213 0.95 22.53 18.10
CA LYS A 213 2.05 22.69 19.03
C LYS A 213 3.25 21.88 18.56
N THR A 214 4.44 22.46 18.73
CA THR A 214 5.70 21.88 18.25
C THR A 214 6.66 21.68 19.43
N ARG A 215 7.91 21.34 19.11
CA ARG A 215 8.93 21.06 20.11
C ARG A 215 10.19 21.88 19.84
N TYR A 216 10.95 22.10 20.90
CA TYR A 216 12.14 22.96 20.86
C TYR A 216 13.39 22.23 21.35
N GLN A 217 14.46 22.99 21.57
CA GLN A 217 15.68 22.45 22.13
C GLN A 217 15.47 22.00 23.57
N LEU A 218 16.39 21.14 24.04
CA LEU A 218 16.32 20.58 25.38
C LEU A 218 16.56 21.63 26.47
N PRO A 219 17.57 22.55 26.36
CA PRO A 219 17.53 23.56 27.42
C PRO A 219 16.62 24.74 27.05
N VAL A 227 12.37 21.78 26.60
CA VAL A 227 11.51 21.72 25.44
C VAL A 227 10.25 22.54 25.68
N GLU A 228 9.99 23.49 24.80
CA GLU A 228 8.85 24.38 24.91
C GLU A 228 8.00 24.28 23.63
N LEU A 229 7.02 25.18 23.51
CA LEU A 229 6.10 25.14 22.38
C LEU A 229 5.50 26.52 22.17
N LYS A 230 5.30 26.88 20.90
CA LYS A 230 4.54 28.06 20.54
C LYS A 230 3.44 27.66 19.57
N ASN A 231 2.23 28.16 19.80
CA ASN A 231 1.07 27.64 19.12
C ASN A 231 0.17 28.72 18.53
N PRO A 232 -0.43 28.45 17.38
CA PRO A 232 -1.61 29.20 16.95
C PRO A 232 -2.89 28.62 17.53
N LYS A 233 -3.91 29.47 17.63
CA LYS A 233 -5.12 29.14 18.35
C LYS A 233 -6.38 29.22 17.50
N ALA A 234 -6.27 29.51 16.21
CA ALA A 234 -7.43 29.58 15.32
C ALA A 234 -7.03 29.12 13.93
N PRO A 235 -7.10 27.80 13.66
CA PRO A 235 -6.78 27.27 12.32
C PRO A 235 -7.95 27.40 11.34
N ALA A 236 -8.34 28.65 11.09
CA ALA A 236 -9.51 29.06 10.30
C ALA A 236 -10.81 28.44 10.80
N THR A 237 -10.89 28.08 12.08
CA THR A 237 -12.08 27.53 12.71
C THR A 237 -12.27 28.17 14.07
N ALA A 238 -13.54 28.35 14.45
CA ALA A 238 -13.90 28.77 15.80
C ALA A 238 -14.84 27.78 16.45
N MET A 239 -15.16 26.68 15.77
CA MET A 239 -16.04 25.67 16.32
C MET A 239 -15.30 24.68 17.22
N GLY A 240 -13.96 24.74 17.25
CA GLY A 240 -13.17 23.81 18.02
C GLY A 240 -12.43 24.48 19.16
N GLU A 241 -11.95 23.65 20.09
CA GLU A 241 -11.32 24.15 21.30
C GLU A 241 -9.88 23.69 21.46
N HIS A 242 -9.60 22.39 21.41
CA HIS A 242 -8.24 21.90 21.64
C HIS A 242 -7.95 20.64 20.82
N VAL A 243 -6.85 20.71 20.07
CA VAL A 243 -6.19 19.56 19.44
C VAL A 243 -4.69 19.79 19.56
N ASP A 244 -3.97 18.82 20.14
CA ASP A 244 -2.54 18.96 20.36
C ASP A 244 -1.83 17.76 19.72
N ARG A 245 -1.05 18.02 18.67
CA ARG A 245 -0.38 16.96 17.93
C ARG A 245 1.10 17.29 17.77
N HIS A 246 1.95 16.27 17.95
CA HIS A 246 3.39 16.38 17.82
C HIS A 246 3.91 15.22 16.99
N LEU A 247 4.93 15.48 16.18
CA LEU A 247 5.56 14.42 15.40
C LEU A 247 7.04 14.24 15.71
N TYR A 248 7.82 15.32 15.61
CA TYR A 248 9.27 15.23 15.78
C TYR A 248 9.77 16.47 16.51
N THR A 249 11.01 16.40 16.99
CA THR A 249 11.63 17.52 17.67
C THR A 249 12.22 18.49 16.66
N SER A 250 12.75 19.60 17.16
CA SER A 250 13.35 20.63 16.34
C SER A 250 14.33 21.43 17.18
N ARG A 251 15.21 22.16 16.50
CA ARG A 251 16.17 23.03 17.17
C ARG A 251 15.73 24.49 17.14
N GLY A 252 15.55 25.04 15.94
CA GLY A 252 15.03 26.39 15.82
C GLY A 252 14.08 26.54 14.65
N GLU A 253 13.85 25.42 13.96
CA GLU A 253 13.06 25.45 12.73
C GLU A 253 11.57 25.56 13.02
N ALA A 254 11.08 24.84 14.03
CA ALA A 254 9.67 24.86 14.39
C ALA A 254 9.32 25.98 15.36
N GLU A 255 10.16 27.02 15.44
CA GLU A 255 9.76 28.23 16.16
C GLU A 255 8.65 28.97 15.44
N GLN A 256 8.60 28.86 14.11
CA GLN A 256 7.53 29.42 13.32
C GLN A 256 6.89 28.41 12.39
N ALA A 257 7.35 27.15 12.39
CA ALA A 257 6.83 26.12 11.51
C ALA A 257 5.62 25.40 12.08
N ALA A 258 4.98 25.98 13.11
CA ALA A 258 3.62 25.55 13.46
C ALA A 258 2.62 26.03 12.42
N LYS A 259 2.97 27.05 11.63
CA LYS A 259 2.16 27.46 10.49
C LYS A 259 2.19 26.45 9.36
N ALA A 260 3.20 25.57 9.34
CA ALA A 260 3.25 24.52 8.33
C ALA A 260 2.15 23.48 8.54
N ARG A 261 1.92 23.08 9.80
CA ARG A 261 0.87 22.13 10.09
C ARG A 261 -0.52 22.77 10.08
N LEU A 262 -0.61 24.10 10.03
CA LEU A 262 -1.91 24.74 9.81
C LEU A 262 -2.41 24.47 8.40
N ALA A 263 -1.49 24.34 7.44
CA ALA A 263 -1.89 24.06 6.07
C ALA A 263 -2.21 22.59 5.87
N SER A 264 -1.25 21.71 6.18
CA SER A 264 -1.28 20.31 5.74
C SER A 264 -2.40 19.49 6.36
N PHE A 265 -2.99 19.97 7.45
CA PHE A 265 -4.20 19.33 7.97
C PHE A 265 -5.46 19.98 7.42
N SER A 266 -5.44 21.30 7.19
CA SER A 266 -6.59 22.00 6.65
C SER A 266 -6.61 22.01 5.13
N ARG A 267 -5.54 21.58 4.46
CA ARG A 267 -5.63 21.32 3.04
C ARG A 267 -6.50 20.11 2.74
N SER A 268 -6.56 19.16 3.67
CA SER A 268 -7.48 18.02 3.57
C SER A 268 -8.86 18.33 4.14
N SER A 269 -9.07 19.54 4.67
CA SER A 269 -10.36 19.88 5.27
C SER A 269 -11.43 20.09 4.21
N ALA A 270 -11.04 20.62 3.05
CA ALA A 270 -11.96 20.79 1.94
C ALA A 270 -11.20 20.54 0.65
N SER A 271 -11.72 19.64 -0.19
CA SER A 271 -10.98 19.22 -1.37
C SER A 271 -11.99 18.91 -2.47
N VAL A 272 -12.04 19.76 -3.50
CA VAL A 272 -12.90 19.52 -4.64
C VAL A 272 -12.11 18.76 -5.69
N ARG A 273 -12.82 18.08 -6.58
CA ARG A 273 -12.18 17.40 -7.72
C ARG A 273 -13.19 17.44 -8.86
N LEU A 274 -13.09 18.48 -9.68
CA LEU A 274 -14.13 18.80 -10.64
C LEU A 274 -13.60 18.67 -12.06
N GLU A 275 -14.38 18.04 -12.92
CA GLU A 275 -13.99 17.83 -14.31
C GLU A 275 -14.54 18.95 -15.19
N LEU A 276 -13.78 19.29 -16.22
CA LEU A 276 -14.11 20.38 -17.12
C LEU A 276 -13.74 19.99 -18.54
N PRO A 277 -14.41 20.54 -19.53
CA PRO A 277 -13.87 20.53 -20.89
C PRO A 277 -12.69 21.48 -21.00
N GLY A 278 -12.03 21.44 -22.16
CA GLY A 278 -10.74 22.07 -22.33
C GLY A 278 -10.71 23.58 -22.25
N ARG A 279 -9.95 24.10 -21.29
CA ARG A 279 -9.65 25.52 -21.21
C ARG A 279 -8.16 25.82 -21.37
N GLY A 280 -7.32 25.17 -20.58
CA GLY A 280 -5.92 25.56 -20.52
C GLY A 280 -5.65 26.80 -19.71
N ASP A 281 -6.64 27.30 -18.98
CA ASP A 281 -6.50 28.46 -18.10
C ASP A 281 -6.37 28.05 -16.65
N LEU A 282 -5.76 26.89 -16.39
CA LEU A 282 -5.86 26.22 -15.10
C LEU A 282 -4.46 25.73 -14.71
N PHE A 283 -3.93 26.28 -13.62
CA PHE A 283 -2.60 25.92 -13.16
C PHE A 283 -2.64 25.69 -11.66
N ALA A 284 -1.55 25.13 -11.13
CA ALA A 284 -1.48 24.74 -9.73
C ALA A 284 -1.28 25.92 -8.78
N GLU A 285 -1.11 27.13 -9.30
CA GLU A 285 -0.87 28.30 -8.46
C GLU A 285 -2.05 29.25 -8.42
N ARG A 286 -3.16 28.90 -9.07
CA ARG A 286 -4.31 29.79 -9.22
C ARG A 286 -5.42 29.38 -8.27
N SER A 287 -6.14 30.36 -7.75
CA SER A 287 -7.26 30.13 -6.86
C SER A 287 -8.57 30.19 -7.65
N LEU A 288 -9.53 29.36 -7.26
CA LEU A 288 -10.83 29.29 -7.89
C LEU A 288 -11.90 29.87 -6.99
N LEU A 289 -12.86 30.58 -7.59
CA LEU A 289 -14.06 31.04 -6.89
C LEU A 289 -15.22 30.23 -7.43
N LEU A 290 -15.56 29.16 -6.72
CA LEU A 290 -16.63 28.25 -7.13
C LEU A 290 -17.96 28.92 -6.83
N GLN A 291 -18.43 29.74 -7.76
CA GLN A 291 -19.73 30.39 -7.64
C GLN A 291 -20.83 29.47 -8.17
N GLY A 292 -22.06 29.79 -7.82
CA GLY A 292 -23.18 29.00 -8.28
C GLY A 292 -23.35 27.68 -7.57
N PHE A 293 -22.97 27.58 -6.32
CA PHE A 293 -23.08 26.34 -5.57
C PHE A 293 -23.83 26.57 -4.27
N LYS A 294 -23.75 25.59 -3.39
CA LYS A 294 -24.54 25.56 -2.17
C LYS A 294 -23.90 26.41 -1.08
N ALA A 295 -24.35 26.25 0.16
CA ALA A 295 -24.00 27.18 1.24
C ALA A 295 -22.53 27.06 1.63
N GLY A 296 -22.11 25.91 2.13
CA GLY A 296 -20.77 25.77 2.66
C GLY A 296 -19.74 25.31 1.65
N ILE A 297 -19.90 25.71 0.39
CA ILE A 297 -18.99 25.36 -0.67
C ILE A 297 -18.34 26.60 -1.29
N ASP A 298 -19.10 27.69 -1.42
CA ASP A 298 -18.64 28.90 -2.10
C ASP A 298 -17.45 29.53 -1.38
N GLY A 299 -16.38 29.76 -2.11
CA GLY A 299 -15.20 30.37 -1.54
C GLY A 299 -13.97 30.04 -2.36
N GLU A 300 -12.82 30.49 -1.85
CA GLU A 300 -11.55 30.30 -2.53
C GLU A 300 -11.08 28.86 -2.40
N PHE A 301 -10.39 28.39 -3.43
CA PHE A 301 -9.78 27.06 -3.41
C PHE A 301 -8.48 27.10 -4.21
N LEU A 302 -7.38 26.79 -3.54
CA LEU A 302 -6.11 26.67 -4.25
C LEU A 302 -6.08 25.36 -5.02
N ILE A 303 -5.72 25.43 -6.29
CA ILE A 303 -5.74 24.25 -7.16
C ILE A 303 -4.54 23.38 -6.86
N ASP A 304 -4.80 22.13 -6.46
CA ASP A 304 -3.72 21.15 -6.40
C ASP A 304 -3.16 20.85 -7.79
N SER A 305 -3.97 20.21 -8.63
CA SER A 305 -3.45 19.64 -9.87
C SER A 305 -4.47 19.76 -10.98
N VAL A 306 -3.96 19.97 -12.19
CA VAL A 306 -4.77 20.04 -13.40
C VAL A 306 -4.30 18.93 -14.32
N GLU A 307 -5.24 18.12 -14.83
CA GLU A 307 -4.91 16.96 -15.64
C GLU A 307 -5.50 17.11 -17.04
N HIS A 308 -4.78 17.79 -17.93
CA HIS A 308 -5.24 17.93 -19.30
C HIS A 308 -5.04 16.63 -20.06
N THR A 309 -6.08 16.16 -20.75
CA THR A 309 -6.02 14.92 -21.50
C THR A 309 -6.61 15.09 -22.89
N TYR A 310 -6.04 14.37 -23.85
CA TYR A 310 -6.75 14.00 -25.07
C TYR A 310 -7.28 12.58 -24.94
N SER A 311 -8.17 12.23 -25.86
CA SER A 311 -8.79 10.91 -25.96
C SER A 311 -9.47 10.84 -27.32
N SER A 312 -10.28 9.81 -27.51
CA SER A 312 -11.25 9.82 -28.59
C SER A 312 -12.52 10.58 -28.20
N SER A 313 -12.62 11.03 -26.95
CA SER A 313 -13.75 11.82 -26.47
C SER A 313 -13.45 13.32 -26.48
N GLY A 314 -12.22 13.72 -26.16
CA GLY A 314 -11.87 15.12 -26.17
C GLY A 314 -10.99 15.53 -25.01
N TRP A 315 -11.45 16.50 -24.22
CA TRP A 315 -10.76 16.97 -23.04
C TRP A 315 -11.48 16.54 -21.78
N THR A 316 -10.73 16.11 -20.77
CA THR A 316 -11.23 15.96 -19.42
C THR A 316 -10.17 16.58 -18.51
N THR A 317 -10.28 17.90 -18.30
CA THR A 317 -9.28 18.61 -17.50
C THR A 317 -9.68 18.52 -16.03
N VAL A 318 -9.29 17.42 -15.41
CA VAL A 318 -9.64 17.16 -14.01
C VAL A 318 -8.86 18.10 -13.12
N VAL A 319 -9.56 18.87 -12.30
CA VAL A 319 -8.96 19.87 -11.43
C VAL A 319 -9.21 19.48 -9.99
N GLN A 320 -8.15 19.16 -9.26
CA GLN A 320 -8.23 18.90 -7.83
C GLN A 320 -7.75 20.13 -7.07
N CYS A 321 -8.26 20.31 -5.85
CA CYS A 321 -7.96 21.51 -5.09
C CYS A 321 -7.79 21.14 -3.62
N ASN A 322 -7.45 22.16 -2.83
CA ASN A 322 -7.44 22.08 -1.37
C ASN A 322 -8.21 23.26 -0.82
N GLY A 323 -8.46 23.22 0.48
CA GLY A 323 -9.09 24.32 1.17
C GLY A 323 -8.16 25.51 1.28
N GLY A 324 -8.43 26.56 0.49
CA GLY A 324 -7.57 27.73 0.48
C GLY A 324 -8.07 28.85 1.37
N ARG A 325 -8.99 28.50 2.28
CA ARG A 325 -9.56 29.39 3.30
C ARG A 325 -10.24 30.63 2.71
N MET B 1 -4.04 -30.00 -30.30
CA MET B 1 -4.14 -29.02 -29.22
C MET B 1 -5.13 -29.48 -28.16
N GLN B 2 -4.61 -30.08 -27.10
CA GLN B 2 -5.45 -30.58 -26.02
C GLN B 2 -4.63 -30.65 -24.73
N PRO B 3 -4.81 -29.69 -23.81
CA PRO B 3 -4.02 -29.70 -22.58
C PRO B 3 -4.45 -30.80 -21.62
N SER B 4 -3.46 -31.41 -20.97
CA SER B 4 -3.69 -32.45 -19.98
C SER B 4 -2.83 -32.16 -18.76
N PHE B 5 -3.04 -32.94 -17.71
CA PHE B 5 -2.39 -32.69 -16.42
C PHE B 5 -2.33 -33.98 -15.63
N ARG B 6 -1.26 -34.14 -14.86
CA ARG B 6 -1.11 -35.29 -13.97
C ARG B 6 -0.71 -34.76 -12.59
N ILE B 7 -1.64 -34.83 -11.65
CA ILE B 7 -1.42 -34.34 -10.29
C ILE B 7 -1.11 -35.55 -9.43
N VAL B 8 0.17 -35.80 -9.21
CA VAL B 8 0.62 -36.94 -8.42
C VAL B 8 0.59 -36.51 -6.95
N ALA B 9 -0.21 -37.22 -6.15
CA ALA B 9 -0.43 -36.80 -4.77
C ALA B 9 0.40 -37.60 -3.78
N ASP B 10 0.89 -38.78 -4.21
CA ASP B 10 1.73 -39.69 -3.41
C ASP B 10 1.08 -40.11 -2.08
N GLY B 11 -0.25 -40.21 -2.07
CA GLY B 11 -0.94 -40.57 -0.83
C GLY B 11 -2.43 -40.37 -0.96
N THR B 12 -3.08 -40.24 0.20
CA THR B 12 -4.54 -40.09 0.25
C THR B 12 -4.91 -38.62 0.40
N ASP B 13 -4.51 -37.83 -0.61
CA ASP B 13 -4.94 -36.44 -0.66
C ASP B 13 -6.41 -36.34 -1.02
N VAL B 14 -6.74 -36.71 -2.27
CA VAL B 14 -8.09 -37.10 -2.67
C VAL B 14 -7.80 -38.36 -3.47
N THR B 15 -8.79 -39.23 -3.69
CA THR B 15 -8.54 -40.49 -4.41
C THR B 15 -8.55 -40.27 -5.92
N GLN B 16 -7.60 -39.43 -6.39
CA GLN B 16 -7.42 -39.03 -7.80
C GLN B 16 -8.70 -38.50 -8.44
N ARG B 17 -9.51 -37.81 -7.64
CA ARG B 17 -10.71 -37.15 -8.13
C ARG B 17 -10.37 -35.76 -8.67
N LEU B 18 -9.13 -35.31 -8.46
CA LEU B 18 -8.70 -34.01 -8.97
C LEU B 18 -8.59 -34.02 -10.49
N ASN B 19 -8.41 -35.20 -11.08
CA ASN B 19 -8.41 -35.32 -12.53
C ASN B 19 -9.79 -35.03 -13.11
N ASP B 20 -10.84 -35.22 -12.30
CA ASP B 20 -12.20 -35.06 -12.80
C ASP B 20 -12.75 -33.67 -12.53
N ARG B 21 -12.30 -33.02 -11.45
CA ARG B 21 -13.02 -31.88 -10.89
C ARG B 21 -12.26 -30.57 -10.90
N LEU B 22 -11.21 -30.42 -11.69
CA LEU B 22 -10.54 -29.12 -11.74
C LEU B 22 -11.38 -28.10 -12.48
N LEU B 23 -11.10 -26.82 -12.21
CA LEU B 23 -11.67 -25.73 -12.98
C LEU B 23 -10.63 -24.75 -13.51
N LYS B 24 -9.61 -24.40 -12.74
CA LYS B 24 -8.57 -23.47 -13.19
C LYS B 24 -7.23 -23.91 -12.60
N LEU B 25 -6.19 -23.17 -12.96
CA LEU B 25 -4.84 -23.32 -12.42
C LEU B 25 -4.15 -21.98 -12.48
N THR B 26 -3.19 -21.79 -11.58
CA THR B 26 -2.11 -20.83 -11.80
C THR B 26 -0.82 -21.50 -11.39
N LEU B 27 0.29 -20.96 -11.87
CA LEU B 27 1.62 -21.29 -11.40
C LEU B 27 2.43 -20.02 -11.29
N LEU B 28 3.61 -20.14 -10.68
CA LEU B 28 4.58 -19.07 -10.67
C LEU B 28 5.94 -19.71 -10.79
N ASP B 29 6.94 -18.91 -11.18
CA ASP B 29 8.34 -19.22 -10.94
C ASP B 29 8.97 -17.90 -10.46
N LYS B 30 8.85 -17.64 -9.16
CA LYS B 30 9.32 -16.37 -8.63
C LYS B 30 10.63 -16.53 -7.89
N PRO B 31 11.71 -15.90 -8.37
CA PRO B 31 12.91 -15.76 -7.54
C PRO B 31 12.76 -14.73 -6.43
N GLY B 32 11.95 -13.69 -6.64
CA GLY B 32 11.85 -12.61 -5.69
C GLY B 32 10.69 -12.70 -4.72
N MET B 33 11.00 -12.78 -3.43
CA MET B 33 10.12 -12.50 -2.29
C MET B 33 9.04 -13.55 -2.04
N GLU B 34 8.88 -14.51 -2.97
CA GLU B 34 7.85 -15.54 -2.84
C GLU B 34 8.37 -16.84 -3.45
N SER B 35 7.62 -17.91 -3.23
CA SER B 35 7.84 -19.21 -3.83
C SER B 35 6.90 -19.37 -5.02
N ASP B 36 6.84 -20.60 -5.55
CA ASP B 36 5.81 -20.88 -6.54
C ASP B 36 4.46 -21.05 -5.84
N SER B 37 3.39 -21.09 -6.64
CA SER B 37 2.06 -21.19 -6.06
C SER B 37 1.11 -21.84 -7.05
N LEU B 38 0.72 -23.09 -6.76
CA LEU B 38 -0.45 -23.66 -7.41
C LEU B 38 -1.70 -22.91 -6.96
N THR B 39 -2.71 -22.95 -7.82
CA THR B 39 -4.09 -22.77 -7.41
C THR B 39 -4.92 -23.86 -8.07
N LEU B 40 -5.95 -24.30 -7.37
CA LEU B 40 -6.90 -25.25 -7.91
C LEU B 40 -8.28 -24.64 -7.71
N ARG B 41 -9.24 -25.04 -8.53
CA ARG B 41 -10.64 -24.75 -8.25
C ARG B 41 -11.43 -26.01 -8.51
N ILE B 42 -12.12 -26.49 -7.48
CA ILE B 42 -12.69 -27.83 -7.48
C ILE B 42 -14.19 -27.72 -7.23
N ASP B 43 -14.97 -28.49 -8.00
CA ASP B 43 -16.42 -28.49 -7.85
C ASP B 43 -16.84 -29.14 -6.53
N ASP B 44 -18.11 -28.95 -6.20
CA ASP B 44 -18.82 -29.73 -5.20
C ASP B 44 -20.18 -30.11 -5.76
N ARG B 45 -20.54 -31.38 -5.61
CA ARG B 45 -21.94 -31.79 -5.76
C ARG B 45 -22.54 -31.95 -4.36
N ASP B 46 -22.69 -30.78 -3.72
CA ASP B 46 -23.13 -30.64 -2.33
C ASP B 46 -22.24 -31.44 -1.37
N GLY B 47 -20.94 -31.43 -1.64
CA GLY B 47 -19.95 -32.04 -0.79
C GLY B 47 -19.51 -33.39 -1.30
N GLN B 48 -18.39 -33.40 -2.01
CA GLN B 48 -17.79 -34.64 -2.48
C GLN B 48 -16.30 -34.65 -2.16
N VAL B 49 -15.67 -33.48 -2.23
CA VAL B 49 -14.25 -33.33 -2.02
C VAL B 49 -14.04 -32.89 -0.57
N ALA B 50 -13.45 -33.76 0.23
CA ALA B 50 -13.13 -33.41 1.60
C ALA B 50 -11.97 -32.44 1.65
N LEU B 51 -11.80 -31.79 2.79
CA LEU B 51 -10.66 -30.90 3.00
C LEU B 51 -9.38 -31.71 3.04
N PRO B 52 -8.44 -31.47 2.13
CA PRO B 52 -7.25 -32.33 2.04
C PRO B 52 -6.25 -32.11 3.16
N ARG B 53 -5.16 -32.88 3.15
CA ARG B 53 -4.12 -32.74 4.15
C ARG B 53 -3.37 -31.43 3.93
N ARG B 54 -3.44 -30.53 4.90
CA ARG B 54 -2.76 -29.24 4.80
C ARG B 54 -1.29 -29.49 5.05
N GLY B 55 -0.56 -29.79 3.98
CA GLY B 55 0.80 -30.26 4.08
C GLY B 55 1.00 -31.56 3.34
N ALA B 56 0.17 -31.80 2.33
CA ALA B 56 0.30 -32.97 1.47
C ALA B 56 1.13 -32.61 0.25
N VAL B 57 2.09 -33.45 -0.09
CA VAL B 57 2.99 -33.21 -1.21
C VAL B 57 2.23 -33.47 -2.51
N LEU B 58 2.22 -32.50 -3.41
CA LEU B 58 1.61 -32.66 -4.72
C LEU B 58 2.67 -32.48 -5.80
N GLU B 59 2.72 -33.42 -6.74
CA GLU B 59 3.58 -33.33 -7.91
C GLU B 59 2.72 -33.01 -9.11
N VAL B 60 3.11 -31.99 -9.87
CA VAL B 60 2.30 -31.46 -10.96
C VAL B 60 3.05 -31.65 -12.27
N HIS B 61 2.38 -32.21 -13.27
CA HIS B 61 2.86 -32.28 -14.62
C HIS B 61 1.84 -31.63 -15.55
N LEU B 62 2.32 -30.79 -16.47
CA LEU B 62 1.48 -30.11 -17.43
C LEU B 62 2.04 -30.31 -18.84
N GLY B 63 1.25 -29.91 -19.82
CA GLY B 63 1.58 -30.06 -21.21
C GLY B 63 0.36 -30.47 -21.99
N TYR B 64 0.59 -30.88 -23.23
CA TYR B 64 -0.50 -31.22 -24.14
C TYR B 64 -0.67 -32.73 -24.20
N ALA B 65 -1.89 -33.17 -24.52
CA ALA B 65 -2.16 -34.58 -24.71
C ALA B 65 -1.61 -35.04 -26.05
N GLY B 66 -0.79 -36.07 -26.02
CA GLY B 66 -0.06 -36.50 -27.20
C GLY B 66 1.37 -36.01 -27.27
N GLU B 67 1.87 -35.40 -26.20
CA GLU B 67 3.23 -34.91 -26.10
C GLU B 67 3.75 -35.28 -24.72
N PRO B 68 5.08 -35.41 -24.57
CA PRO B 68 5.62 -35.65 -23.22
C PRO B 68 5.45 -34.42 -22.34
N LEU B 69 4.98 -34.65 -21.11
CA LEU B 69 4.69 -33.56 -20.19
C LEU B 69 5.97 -32.99 -19.63
N MET B 70 5.95 -31.70 -19.30
CA MET B 70 7.15 -31.04 -18.82
C MET B 70 7.25 -31.14 -17.31
N ARG B 71 8.49 -31.00 -16.82
CA ARG B 71 8.74 -30.84 -15.39
C ARG B 71 8.15 -29.53 -14.92
N MET B 72 7.22 -29.58 -13.98
CA MET B 72 6.58 -28.37 -13.51
C MET B 72 6.87 -28.05 -12.05
N GLY B 73 7.19 -29.06 -11.25
CA GLY B 73 7.55 -28.84 -9.86
C GLY B 73 6.77 -29.74 -8.93
N ARG B 74 7.12 -29.62 -7.64
CA ARG B 74 6.45 -30.34 -6.57
C ARG B 74 5.97 -29.33 -5.53
N PHE B 75 4.82 -29.61 -4.91
CA PHE B 75 4.11 -28.60 -4.14
C PHE B 75 3.51 -29.20 -2.88
N THR B 76 3.33 -28.36 -1.85
CA THR B 76 2.71 -28.75 -0.58
C THR B 76 1.63 -27.75 -0.21
N VAL B 77 0.44 -28.28 0.10
CA VAL B 77 -0.76 -27.46 0.27
C VAL B 77 -0.67 -26.63 1.54
N ASP B 78 -0.93 -25.32 1.43
CA ASP B 78 -1.01 -24.46 2.61
C ASP B 78 -2.39 -23.87 2.83
N THR B 79 -2.95 -23.11 1.89
CA THR B 79 -4.18 -22.38 2.16
C THR B 79 -5.35 -22.96 1.39
N LEU B 80 -6.55 -22.79 1.94
CA LEU B 80 -7.77 -23.34 1.39
C LEU B 80 -8.89 -22.33 1.54
N GLN B 81 -9.73 -22.21 0.50
CA GLN B 81 -10.89 -21.33 0.61
C GLN B 81 -12.18 -22.07 0.28
N TRP B 82 -13.28 -21.34 0.16
CA TRP B 82 -14.55 -21.86 -0.36
C TRP B 82 -15.20 -20.76 -1.18
N ALA B 83 -16.45 -20.97 -1.54
CA ALA B 83 -17.18 -19.99 -2.32
C ALA B 83 -18.65 -20.09 -1.99
N GLY B 84 -19.46 -19.33 -2.72
CA GLY B 84 -20.86 -19.17 -2.41
C GLY B 84 -21.72 -20.19 -3.11
N PRO B 85 -22.51 -19.74 -4.08
CA PRO B 85 -23.36 -20.66 -4.84
C PRO B 85 -22.62 -21.74 -5.62
N PRO B 86 -21.54 -21.49 -6.39
CA PRO B 86 -20.98 -22.61 -7.16
C PRO B 86 -20.14 -23.59 -6.35
N ASP B 87 -19.79 -23.27 -5.11
CA ASP B 87 -19.03 -24.12 -4.18
C ASP B 87 -17.65 -24.49 -4.75
N CYS B 88 -16.81 -23.46 -4.87
CA CYS B 88 -15.46 -23.63 -5.38
C CYS B 88 -14.50 -24.02 -4.25
N LEU B 89 -13.22 -23.99 -4.55
CA LEU B 89 -12.11 -24.16 -3.62
C LEU B 89 -10.91 -23.41 -4.20
N THR B 90 -9.94 -23.07 -3.35
CA THR B 90 -8.63 -22.64 -3.84
C THR B 90 -7.60 -23.42 -3.04
N VAL B 91 -7.25 -24.60 -3.53
CA VAL B 91 -6.23 -25.41 -2.87
C VAL B 91 -4.88 -24.90 -3.34
N THR B 92 -4.32 -23.93 -2.65
CA THR B 92 -3.03 -23.37 -3.04
C THR B 92 -1.91 -24.13 -2.38
N ALA B 93 -0.73 -24.09 -2.98
CA ALA B 93 0.37 -24.91 -2.54
C ALA B 93 1.69 -24.24 -2.88
N LYS B 94 2.61 -24.24 -1.92
CA LYS B 94 3.89 -23.57 -2.08
C LYS B 94 4.98 -24.58 -2.41
N ALA B 95 6.23 -24.13 -2.41
CA ALA B 95 7.30 -24.82 -3.13
C ALA B 95 7.83 -26.05 -2.38
N GLY B 96 8.34 -25.87 -1.17
CA GLY B 96 9.22 -26.87 -0.58
C GLY B 96 8.48 -28.11 -0.11
N ASP B 97 9.04 -29.29 -0.42
CA ASP B 97 8.38 -30.55 -0.11
C ASP B 97 8.58 -30.95 1.35
N MET B 98 9.83 -31.09 1.78
CA MET B 98 10.13 -31.50 3.14
C MET B 98 9.75 -30.42 4.15
N ARG B 99 9.78 -29.15 3.73
CA ARG B 99 9.36 -28.03 4.56
C ARG B 99 8.49 -27.12 3.71
N GLY B 100 7.23 -26.95 4.11
CA GLY B 100 6.32 -26.07 3.42
C GLY B 100 6.16 -24.74 4.13
N SER B 101 5.08 -24.60 4.89
CA SER B 101 4.86 -23.42 5.72
C SER B 101 5.10 -23.72 7.20
N GLY B 102 5.94 -24.70 7.51
CA GLY B 102 6.19 -25.06 8.89
C GLY B 102 7.63 -25.50 9.10
N LYS B 103 8.07 -25.34 10.36
CA LYS B 103 9.35 -25.82 10.88
C LYS B 103 10.56 -25.16 10.18
N THR B 104 10.47 -23.86 9.89
CA THR B 104 11.55 -23.16 9.18
C THR B 104 12.05 -21.95 9.96
N ILE B 105 11.64 -21.79 11.22
CA ILE B 105 11.78 -20.51 11.91
C ILE B 105 12.77 -20.69 13.06
N ARG B 106 13.81 -21.49 12.82
CA ARG B 106 14.93 -21.62 13.75
C ARG B 106 16.09 -20.76 13.25
N SER B 107 16.44 -19.74 14.02
CA SER B 107 17.38 -18.71 13.62
C SER B 107 18.65 -18.80 14.47
N GLY B 108 19.60 -17.91 14.20
CA GLY B 108 20.82 -17.87 14.97
C GLY B 108 21.77 -16.82 14.43
N GLY B 109 23.01 -16.89 14.91
CA GLY B 109 24.04 -15.98 14.48
C GLY B 109 25.35 -16.71 14.26
N TRP B 110 26.17 -16.14 13.37
CA TRP B 110 27.43 -16.73 12.96
C TRP B 110 28.60 -15.91 13.48
N GLU B 111 29.79 -16.50 13.40
CA GLU B 111 31.00 -15.91 13.93
C GLU B 111 31.77 -15.21 12.81
N GLY B 112 33.00 -14.79 13.11
CA GLY B 112 33.78 -14.05 12.13
C GLY B 112 34.37 -14.93 11.06
N THR B 113 34.79 -16.15 11.42
CA THR B 113 35.41 -17.08 10.48
C THR B 113 34.32 -17.92 9.80
N THR B 114 33.44 -17.21 9.08
CA THR B 114 32.37 -17.83 8.31
C THR B 114 32.44 -17.27 6.89
N LEU B 115 32.88 -18.11 5.95
CA LEU B 115 32.91 -17.73 4.54
C LEU B 115 31.47 -17.60 4.05
N ALA B 116 31.09 -16.39 3.66
CA ALA B 116 29.69 -16.08 3.35
C ALA B 116 29.25 -16.80 2.09
N GLN B 117 27.97 -17.21 2.11
CA GLN B 117 27.29 -17.97 1.05
C GLN B 117 27.92 -19.33 0.79
N VAL B 118 28.73 -19.82 1.73
CA VAL B 118 29.17 -21.21 1.81
C VAL B 118 28.85 -21.69 3.21
N CYS B 119 29.31 -20.94 4.21
CA CYS B 119 28.96 -21.19 5.60
C CYS B 119 27.62 -20.56 5.99
N ARG B 120 26.85 -20.07 5.02
CA ARG B 120 25.50 -19.58 5.25
C ARG B 120 24.42 -20.51 4.76
N ASP B 121 24.61 -21.14 3.60
CA ASP B 121 23.61 -22.03 3.02
C ASP B 121 24.11 -23.45 2.83
N VAL B 122 25.34 -23.61 2.32
CA VAL B 122 25.90 -24.95 2.18
C VAL B 122 26.34 -25.49 3.53
N GLY B 123 26.95 -24.65 4.35
CA GLY B 123 27.47 -25.08 5.63
C GLY B 123 26.63 -24.73 6.85
N ALA B 124 25.44 -24.17 6.67
CA ALA B 124 24.62 -23.81 7.82
C ALA B 124 23.19 -24.34 7.74
N ARG B 125 22.64 -24.42 6.53
CA ARG B 125 21.24 -24.81 6.36
C ARG B 125 21.04 -26.31 6.25
N ASN B 126 22.08 -27.11 6.49
CA ASN B 126 21.97 -28.57 6.46
C ASN B 126 21.63 -29.16 7.82
N GLY B 127 21.67 -28.36 8.89
CA GLY B 127 21.36 -28.84 10.22
C GLY B 127 19.92 -28.58 10.63
N TRP B 128 18.98 -29.11 9.84
CA TRP B 128 17.53 -28.99 10.06
C TRP B 128 17.07 -27.54 10.10
N ARG B 129 17.22 -26.86 8.95
CA ARG B 129 16.82 -25.48 8.75
C ARG B 129 15.76 -25.41 7.67
N VAL B 130 15.52 -24.17 7.20
CA VAL B 130 14.44 -23.73 6.29
C VAL B 130 14.16 -24.68 5.15
N GLU B 131 15.19 -25.02 4.39
CA GLU B 131 15.11 -25.98 3.30
C GLU B 131 16.52 -26.49 3.05
N CYS B 132 16.73 -27.79 3.28
CA CYS B 132 18.07 -28.27 3.57
C CYS B 132 19.05 -28.28 2.38
N PRO B 133 18.79 -28.92 1.23
CA PRO B 133 19.92 -29.14 0.30
C PRO B 133 20.19 -27.99 -0.64
N LEU B 134 19.64 -26.80 -0.40
CA LEU B 134 19.90 -25.69 -1.31
C LEU B 134 21.28 -25.10 -1.07
N GLN B 135 21.93 -24.72 -2.17
CA GLN B 135 23.34 -24.38 -2.17
C GLN B 135 23.54 -23.06 -2.91
N VAL B 136 24.70 -22.44 -2.67
CA VAL B 136 25.13 -21.23 -3.37
C VAL B 136 26.53 -21.49 -3.90
N ALA B 137 26.75 -21.23 -5.19
CA ALA B 137 28.03 -21.47 -5.81
C ALA B 137 28.98 -20.27 -5.72
N ILE B 138 28.73 -19.33 -4.82
CA ILE B 138 29.65 -18.23 -4.56
C ILE B 138 30.50 -18.59 -3.34
N ALA B 139 31.81 -18.65 -3.54
CA ALA B 139 32.76 -19.08 -2.52
C ALA B 139 33.87 -18.05 -2.36
N ARG B 140 33.48 -16.78 -2.21
CA ARG B 140 34.45 -15.71 -2.12
C ARG B 140 35.04 -15.61 -0.71
N VAL B 141 36.18 -14.94 -0.62
CA VAL B 141 36.92 -14.80 0.63
C VAL B 141 36.18 -13.82 1.53
N ASP B 142 35.54 -14.35 2.57
CA ASP B 142 34.69 -13.55 3.48
C ASP B 142 35.03 -13.93 4.91
N GLN B 143 35.83 -13.10 5.58
CA GLN B 143 36.20 -13.32 6.97
C GLN B 143 35.73 -12.15 7.82
N VAL B 144 34.48 -11.72 7.60
CA VAL B 144 33.91 -10.57 8.27
C VAL B 144 33.00 -11.05 9.39
N ASN B 145 33.00 -10.34 10.51
CA ASN B 145 32.05 -10.58 11.59
C ASN B 145 30.62 -10.36 11.09
N GLU B 146 29.85 -11.43 10.94
CA GLU B 146 28.53 -11.36 10.34
C GLU B 146 27.59 -12.33 11.06
N SER B 147 26.37 -11.87 11.32
CA SER B 147 25.39 -12.65 12.05
C SER B 147 24.02 -12.04 11.82
N ASP B 148 23.01 -12.90 11.90
CA ASP B 148 21.62 -12.45 11.98
C ASP B 148 21.29 -12.18 13.44
N TYR B 149 20.95 -10.93 13.76
CA TYR B 149 20.64 -10.59 15.14
C TYR B 149 19.33 -11.24 15.57
N HIS B 150 18.22 -10.85 14.96
CA HIS B 150 16.98 -11.63 15.01
C HIS B 150 16.19 -11.29 13.75
N PHE B 151 16.31 -12.15 12.74
CA PHE B 151 15.56 -12.04 11.51
C PHE B 151 14.72 -13.30 11.35
N VAL B 152 13.55 -13.15 10.71
CA VAL B 152 12.83 -14.31 10.21
C VAL B 152 13.73 -15.01 9.19
N THR B 153 13.80 -16.34 9.28
CA THR B 153 14.83 -17.09 8.57
C THR B 153 14.63 -17.10 7.06
N ARG B 154 13.45 -16.75 6.56
CA ARG B 154 13.25 -16.51 5.14
C ARG B 154 13.45 -15.04 4.77
N LEU B 155 13.38 -14.14 5.75
CA LEU B 155 13.84 -12.76 5.58
C LEU B 155 15.32 -12.62 5.90
N ALA B 156 15.89 -13.57 6.65
CA ALA B 156 17.32 -13.57 6.93
C ALA B 156 18.13 -13.90 5.68
N ARG B 157 17.53 -14.58 4.71
CA ARG B 157 18.13 -14.67 3.39
C ARG B 157 18.04 -13.35 2.66
N GLN B 158 17.07 -12.51 3.00
CA GLN B 158 16.85 -11.28 2.25
C GLN B 158 17.55 -10.07 2.87
N TYR B 159 17.52 -9.92 4.20
CA TYR B 159 18.15 -8.76 4.81
C TYR B 159 19.67 -8.84 4.81
N ASP B 160 20.25 -10.04 4.68
CA ASP B 160 21.70 -10.17 4.75
C ASP B 160 22.33 -11.08 3.70
N CYS B 161 21.58 -11.89 2.97
CA CYS B 161 22.21 -12.89 2.13
C CYS B 161 21.93 -12.72 0.65
N THR B 162 20.67 -12.65 0.24
CA THR B 162 20.31 -12.78 -1.17
C THR B 162 19.66 -11.55 -1.77
N ALA B 163 19.56 -10.44 -1.03
CA ALA B 163 19.16 -9.17 -1.63
C ALA B 163 20.19 -8.07 -1.40
N LYS B 164 20.67 -7.89 -0.17
CA LYS B 164 21.65 -6.84 0.10
C LYS B 164 23.05 -7.28 -0.30
N LEU B 165 23.45 -8.46 0.14
CA LEU B 165 24.72 -9.08 -0.26
C LEU B 165 24.47 -10.10 -1.36
N ALA B 166 23.55 -9.75 -2.26
CA ALA B 166 23.14 -10.65 -3.33
C ALA B 166 24.26 -10.84 -4.34
N GLU B 167 24.66 -9.75 -5.00
CA GLU B 167 25.45 -9.76 -6.23
C GLU B 167 24.80 -10.65 -7.29
N GLY B 168 23.47 -10.58 -7.36
CA GLY B 168 22.69 -11.27 -8.37
C GLY B 168 21.95 -12.52 -7.94
N MET B 169 21.74 -12.74 -6.63
CA MET B 169 21.18 -14.00 -6.15
C MET B 169 19.73 -14.21 -6.56
N LEU B 170 19.35 -15.48 -6.67
CA LEU B 170 18.02 -15.89 -7.13
C LEU B 170 17.09 -16.30 -6.00
N MET B 171 17.60 -17.04 -5.00
CA MET B 171 16.87 -17.69 -3.90
C MET B 171 15.56 -18.37 -4.32
N VAL B 172 15.59 -19.07 -5.45
CA VAL B 172 14.39 -19.75 -5.96
C VAL B 172 14.13 -20.99 -5.10
N LEU B 173 13.04 -20.94 -4.34
CA LEU B 173 12.66 -22.00 -3.40
C LEU B 173 12.35 -23.39 -3.98
N PRO B 174 11.68 -23.56 -5.13
CA PRO B 174 11.52 -24.93 -5.65
C PRO B 174 12.83 -25.53 -6.13
N ARG B 175 12.87 -26.87 -6.12
CA ARG B 175 13.98 -27.74 -6.52
C ARG B 175 15.23 -27.57 -5.66
N GLN B 176 15.14 -26.79 -4.58
CA GLN B 176 16.17 -26.64 -3.55
C GLN B 176 17.49 -26.14 -4.14
N SER B 177 17.46 -24.93 -4.70
CA SER B 177 18.63 -24.34 -5.33
C SER B 177 18.46 -22.83 -5.40
N GLY B 178 19.29 -22.09 -4.66
CA GLY B 178 19.33 -20.66 -4.82
C GLY B 178 20.65 -20.21 -5.43
N GLN B 179 20.61 -19.84 -6.71
CA GLN B 179 21.80 -19.50 -7.48
C GLN B 179 21.90 -17.99 -7.68
N SER B 180 22.85 -17.58 -8.51
CA SER B 180 22.91 -16.20 -8.95
C SER B 180 22.24 -16.06 -10.32
N ALA B 181 22.05 -14.83 -10.74
CA ALA B 181 21.43 -14.53 -12.03
C ALA B 181 22.51 -14.49 -13.10
N THR B 182 22.17 -13.92 -14.26
CA THR B 182 23.04 -13.79 -15.45
C THR B 182 23.50 -15.15 -15.98
N GLY B 183 22.61 -16.13 -15.90
CA GLY B 183 22.76 -17.36 -16.66
C GLY B 183 23.87 -18.30 -16.25
N ARG B 184 23.74 -18.94 -15.09
CA ARG B 184 24.71 -19.98 -14.74
C ARG B 184 24.54 -21.26 -15.54
N ARG B 185 23.41 -21.45 -16.22
CA ARG B 185 23.14 -22.67 -16.98
C ARG B 185 22.76 -22.31 -18.41
N ILE B 186 23.29 -23.06 -19.36
CA ILE B 186 23.25 -22.70 -20.78
C ILE B 186 21.89 -23.11 -21.35
N GLU B 187 20.96 -22.16 -21.40
CA GLU B 187 19.61 -22.39 -21.95
C GLU B 187 19.17 -21.14 -22.71
N PRO B 188 19.25 -21.15 -24.05
CA PRO B 188 18.64 -20.06 -24.84
C PRO B 188 17.24 -20.41 -25.37
N LEU B 189 16.51 -19.40 -25.85
CA LEU B 189 15.29 -19.60 -26.63
C LEU B 189 15.20 -18.55 -27.73
N VAL B 190 14.19 -18.72 -28.59
CA VAL B 190 13.90 -17.78 -29.68
C VAL B 190 12.40 -17.55 -29.70
N LEU B 191 11.99 -16.28 -29.61
CA LEU B 191 10.59 -15.90 -29.73
C LEU B 191 10.44 -14.88 -30.85
N GLY B 192 9.23 -14.75 -31.37
CA GLY B 192 8.98 -13.83 -32.47
C GLY B 192 7.66 -13.11 -32.38
N ARG B 193 7.07 -12.79 -33.53
CA ARG B 193 5.72 -12.23 -33.57
C ARG B 193 4.66 -13.30 -33.67
N ALA B 194 4.99 -14.45 -34.28
CA ALA B 194 4.02 -15.50 -34.55
C ALA B 194 3.88 -16.49 -33.40
N ASP B 195 4.26 -16.10 -32.19
CA ASP B 195 4.16 -16.98 -31.03
C ASP B 195 3.42 -16.27 -29.90
N VAL B 196 3.49 -14.94 -29.88
CA VAL B 196 3.22 -14.16 -28.68
C VAL B 196 1.84 -13.51 -28.80
N GLY B 197 1.08 -13.56 -27.71
CA GLY B 197 -0.23 -12.94 -27.66
C GLY B 197 -0.23 -11.44 -27.40
N SER B 198 0.55 -10.96 -26.43
CA SER B 198 0.53 -9.54 -26.07
C SER B 198 1.88 -9.17 -25.47
N PHE B 199 2.02 -7.90 -25.08
CA PHE B 199 3.29 -7.37 -24.61
C PHE B 199 3.05 -6.34 -23.52
N ASP B 200 4.10 -6.11 -22.72
CA ASP B 200 4.32 -4.86 -21.98
C ASP B 200 5.84 -4.72 -21.86
N VAL B 201 6.46 -4.06 -22.83
CA VAL B 201 7.91 -3.91 -22.87
C VAL B 201 8.22 -2.52 -22.30
N THR B 202 8.44 -2.46 -20.99
CA THR B 202 8.61 -1.19 -20.32
C THR B 202 10.07 -0.78 -20.28
N PHE B 203 10.31 0.48 -19.94
CA PHE B 203 11.64 0.99 -19.69
C PHE B 203 11.56 2.02 -18.56
N ASP B 204 12.66 2.18 -17.84
CA ASP B 204 12.73 3.13 -16.75
C ASP B 204 14.06 3.86 -16.79
N ASP B 205 14.00 5.18 -16.62
CA ASP B 205 15.19 5.98 -16.38
C ASP B 205 15.17 6.65 -15.01
N ARG B 206 14.14 6.40 -14.21
CA ARG B 206 14.18 6.79 -12.80
C ARG B 206 15.21 5.97 -12.04
N SER B 207 15.47 4.74 -12.49
CA SER B 207 16.34 3.80 -11.80
C SER B 207 17.57 3.46 -12.61
N LEU B 208 18.15 4.46 -13.28
CA LEU B 208 19.42 4.29 -13.96
C LEU B 208 20.56 4.67 -13.02
N MET B 209 21.47 3.74 -12.80
CA MET B 209 22.73 4.09 -12.17
C MET B 209 23.70 4.56 -13.25
N ARG B 210 24.71 5.31 -12.82
CA ARG B 210 25.78 5.72 -13.72
C ARG B 210 27.10 5.39 -13.05
N THR B 211 27.12 5.45 -11.72
CA THR B 211 28.11 4.81 -10.87
C THR B 211 27.34 4.12 -9.75
N VAL B 212 28.03 3.26 -9.00
CA VAL B 212 27.46 2.64 -7.80
C VAL B 212 28.51 2.71 -6.71
N LYS B 213 28.21 3.43 -5.63
CA LYS B 213 29.16 3.65 -4.55
C LYS B 213 28.59 3.14 -3.24
N THR B 214 29.44 2.52 -2.42
CA THR B 214 29.03 1.89 -1.17
C THR B 214 29.83 2.51 -0.01
N ARG B 215 29.70 1.89 1.18
CA ARG B 215 30.33 2.38 2.39
C ARG B 215 31.13 1.28 3.07
N TYR B 216 32.13 1.69 3.85
CA TYR B 216 33.07 0.77 4.49
C TYR B 216 33.12 0.97 6.00
N GLN B 217 34.11 0.35 6.64
CA GLN B 217 34.34 0.53 8.06
C GLN B 217 34.78 1.96 8.38
N LEU B 218 34.64 2.33 9.64
CA LEU B 218 34.98 3.68 10.09
C LEU B 218 36.49 3.95 10.06
N PRO B 219 37.39 3.03 10.50
CA PRO B 219 38.78 3.41 10.22
C PRO B 219 39.23 2.96 8.83
N VAL B 227 35.60 5.73 6.36
CA VAL B 227 34.65 5.19 5.40
C VAL B 227 35.09 5.54 3.99
N GLU B 228 35.23 4.51 3.15
CA GLU B 228 35.69 4.66 1.78
C GLU B 228 34.64 4.05 0.84
N LEU B 229 34.99 3.95 -0.44
CA LEU B 229 34.07 3.47 -1.45
C LEU B 229 34.84 2.91 -2.64
N LYS B 230 34.32 1.84 -3.22
CA LYS B 230 34.82 1.31 -4.48
C LYS B 230 33.65 1.20 -5.45
N ASN B 231 33.87 1.66 -6.69
CA ASN B 231 32.76 1.85 -7.61
C ASN B 231 33.01 1.26 -8.99
N PRO B 232 31.97 0.73 -9.62
CA PRO B 232 31.99 0.52 -11.07
C PRO B 232 31.55 1.78 -11.80
N LYS B 233 32.00 1.89 -13.05
CA LYS B 233 31.85 3.11 -13.82
C LYS B 233 31.09 2.93 -15.13
N ALA B 234 30.58 1.74 -15.42
CA ALA B 234 29.81 1.49 -16.63
C ALA B 234 28.74 0.44 -16.36
N PRO B 235 27.56 0.86 -15.89
CA PRO B 235 26.45 -0.09 -15.64
C PRO B 235 25.67 -0.42 -16.90
N ALA B 236 26.38 -1.03 -17.86
CA ALA B 236 25.93 -1.35 -19.21
C ALA B 236 25.40 -0.13 -19.98
N THR B 237 25.88 1.07 -19.62
CA THR B 237 25.50 2.30 -20.30
C THR B 237 26.75 3.16 -20.47
N ALA B 238 26.78 3.89 -21.58
CA ALA B 238 27.79 4.91 -21.82
C ALA B 238 27.17 6.27 -22.07
N MET B 239 25.85 6.38 -22.00
CA MET B 239 25.17 7.65 -22.19
C MET B 239 25.14 8.49 -20.94
N GLY B 240 25.55 7.94 -19.79
CA GLY B 240 25.48 8.64 -18.53
C GLY B 240 26.86 8.92 -17.96
N GLU B 241 26.90 9.83 -16.99
CA GLU B 241 28.16 10.30 -16.42
C GLU B 241 28.28 10.04 -14.93
N HIS B 242 27.32 10.48 -14.11
CA HIS B 242 27.43 10.31 -12.66
C HIS B 242 26.06 10.13 -12.01
N VAL B 243 25.95 9.06 -11.23
CA VAL B 243 24.88 8.82 -10.26
C VAL B 243 25.51 8.20 -9.03
N ASP B 244 25.29 8.79 -7.86
CA ASP B 244 25.90 8.30 -6.62
C ASP B 244 24.80 8.06 -5.59
N ARG B 245 24.57 6.81 -5.24
CA ARG B 245 23.51 6.43 -4.33
C ARG B 245 24.04 5.54 -3.21
N HIS B 246 23.58 5.80 -1.99
CA HIS B 246 23.97 5.05 -0.80
C HIS B 246 22.72 4.72 0.01
N LEU B 247 22.71 3.53 0.61
CA LEU B 247 21.61 3.16 1.49
C LEU B 247 22.04 2.86 2.91
N TYR B 248 23.01 1.97 3.10
CA TYR B 248 23.41 1.54 4.44
C TYR B 248 24.92 1.34 4.46
N THR B 249 25.46 1.23 5.67
CA THR B 249 26.89 0.99 5.84
C THR B 249 27.19 -0.50 5.73
N SER B 250 28.48 -0.83 5.79
CA SER B 250 28.92 -2.21 5.69
C SER B 250 30.30 -2.32 6.35
N ARG B 251 30.69 -3.55 6.66
CA ARG B 251 31.99 -3.83 7.24
C ARG B 251 32.98 -4.35 6.20
N GLY B 252 32.66 -5.46 5.55
CA GLY B 252 33.50 -5.96 4.48
C GLY B 252 32.66 -6.55 3.36
N GLU B 253 31.34 -6.50 3.51
CA GLU B 253 30.43 -7.14 2.57
C GLU B 253 30.31 -6.33 1.28
N ALA B 254 30.22 -5.02 1.38
CA ALA B 254 30.08 -4.16 0.20
C ALA B 254 31.43 -3.76 -0.40
N GLU B 255 32.47 -4.53 -0.13
CA GLU B 255 33.72 -4.36 -0.86
C GLU B 255 33.58 -4.81 -2.31
N GLN B 256 32.70 -5.78 -2.56
CA GLN B 256 32.40 -6.21 -3.91
C GLN B 256 30.90 -6.20 -4.20
N ALA B 257 30.06 -5.83 -3.23
CA ALA B 257 28.61 -5.82 -3.41
C ALA B 257 28.09 -4.54 -4.03
N ALA B 258 28.97 -3.73 -4.65
CA ALA B 258 28.51 -2.71 -5.57
C ALA B 258 27.99 -3.31 -6.86
N LYS B 259 28.40 -4.56 -7.17
CA LYS B 259 27.85 -5.31 -8.28
C LYS B 259 26.41 -5.75 -8.02
N ALA B 260 25.97 -5.76 -6.76
CA ALA B 260 24.59 -6.10 -6.44
C ALA B 260 23.64 -4.99 -6.90
N ARG B 261 24.01 -3.73 -6.67
CA ARG B 261 23.18 -2.62 -7.11
C ARG B 261 23.31 -2.35 -8.61
N LEU B 262 24.27 -2.97 -9.29
CA LEU B 262 24.30 -2.90 -10.74
C LEU B 262 23.13 -3.67 -11.34
N ALA B 263 22.71 -4.74 -10.68
CA ALA B 263 21.59 -5.53 -11.18
C ALA B 263 20.26 -4.87 -10.83
N SER B 264 20.01 -4.62 -9.53
CA SER B 264 18.68 -4.31 -9.02
C SER B 264 18.13 -2.99 -9.52
N PHE B 265 18.98 -2.10 -10.04
CA PHE B 265 18.47 -0.91 -10.70
C PHE B 265 18.33 -1.10 -12.21
N SER B 266 19.21 -1.89 -12.82
CA SER B 266 19.14 -2.17 -14.24
C SER B 266 18.24 -3.37 -14.57
N ARG B 267 17.80 -4.13 -13.56
CA ARG B 267 16.73 -5.10 -13.80
C ARG B 267 15.40 -4.41 -14.09
N SER B 268 15.20 -3.21 -13.54
CA SER B 268 14.04 -2.39 -13.85
C SER B 268 14.26 -1.51 -15.07
N SER B 269 15.44 -1.57 -15.69
CA SER B 269 15.71 -0.72 -16.84
C SER B 269 14.98 -1.20 -18.09
N ALA B 270 14.80 -2.51 -18.22
CA ALA B 270 14.04 -3.09 -19.32
C ALA B 270 13.28 -4.29 -18.80
N SER B 271 11.97 -4.32 -19.01
CA SER B 271 11.14 -5.38 -18.42
C SER B 271 10.00 -5.67 -19.38
N VAL B 272 10.05 -6.84 -20.01
CA VAL B 272 8.96 -7.26 -20.87
C VAL B 272 7.97 -8.07 -20.04
N ARG B 273 6.74 -8.16 -20.54
CA ARG B 273 5.71 -9.01 -19.91
C ARG B 273 4.82 -9.50 -21.03
N LEU B 274 5.14 -10.67 -21.57
CA LEU B 274 4.56 -11.13 -22.82
C LEU B 274 3.77 -12.41 -22.57
N GLU B 275 2.57 -12.48 -23.15
CA GLU B 275 1.70 -13.63 -22.99
C GLU B 275 1.91 -14.60 -24.13
N LEU B 276 1.75 -15.89 -23.83
CA LEU B 276 1.97 -16.96 -24.78
C LEU B 276 0.94 -18.04 -24.56
N PRO B 277 0.61 -18.80 -25.60
CA PRO B 277 -0.07 -20.09 -25.39
C PRO B 277 0.90 -21.09 -24.81
N GLY B 278 0.36 -22.26 -24.45
CA GLY B 278 1.09 -23.22 -23.64
C GLY B 278 2.29 -23.87 -24.27
N ARG B 279 3.45 -23.67 -23.64
CA ARG B 279 4.67 -24.39 -24.00
C ARG B 279 5.19 -25.27 -22.87
N GLY B 280 5.38 -24.71 -21.69
CA GLY B 280 6.07 -25.41 -20.64
C GLY B 280 7.56 -25.45 -20.79
N ASP B 281 8.12 -24.70 -21.74
CA ASP B 281 9.56 -24.61 -21.96
C ASP B 281 10.14 -23.33 -21.37
N LEU B 282 9.56 -22.85 -20.27
CA LEU B 282 9.77 -21.49 -19.79
C LEU B 282 9.99 -21.53 -18.30
N PHE B 283 11.19 -21.15 -17.85
CA PHE B 283 11.53 -21.18 -16.44
C PHE B 283 12.22 -19.88 -16.07
N ALA B 284 12.39 -19.66 -14.76
CA ALA B 284 12.93 -18.40 -14.26
C ALA B 284 14.45 -18.29 -14.42
N GLU B 285 15.11 -19.33 -14.91
CA GLU B 285 16.56 -19.30 -15.06
C GLU B 285 17.01 -19.22 -16.51
N ARG B 286 16.08 -19.10 -17.45
CA ARG B 286 16.38 -19.16 -18.87
C ARG B 286 16.33 -17.77 -19.47
N SER B 287 17.20 -17.51 -20.44
CA SER B 287 17.25 -16.24 -21.14
C SER B 287 16.50 -16.34 -22.46
N LEU B 288 15.84 -15.25 -22.84
CA LEU B 288 15.08 -15.19 -24.08
C LEU B 288 15.77 -14.30 -25.10
N LEU B 289 15.72 -14.70 -26.36
CA LEU B 289 16.17 -13.87 -27.48
C LEU B 289 14.93 -13.43 -28.24
N LEU B 290 14.44 -12.25 -27.91
CA LEU B 290 13.22 -11.71 -28.53
C LEU B 290 13.57 -11.23 -29.92
N GLN B 291 13.52 -12.14 -30.88
CA GLN B 291 13.76 -11.80 -32.27
C GLN B 291 12.47 -11.34 -32.93
N GLY B 292 12.60 -10.70 -34.09
CA GLY B 292 11.43 -10.23 -34.80
C GLY B 292 10.78 -9.00 -34.22
N PHE B 293 11.54 -8.12 -33.58
CA PHE B 293 11.00 -6.93 -32.98
C PHE B 293 11.74 -5.70 -33.49
N LYS B 294 11.54 -4.59 -32.80
CA LYS B 294 12.02 -3.29 -33.24
C LYS B 294 13.49 -3.09 -32.84
N ALA B 295 13.97 -1.86 -32.92
CA ALA B 295 15.40 -1.59 -32.81
C ALA B 295 15.93 -1.84 -31.40
N GLY B 296 15.45 -1.08 -30.42
CA GLY B 296 16.00 -1.17 -29.08
C GLY B 296 15.32 -2.16 -28.18
N ILE B 297 14.84 -3.27 -28.75
CA ILE B 297 14.19 -4.33 -28.00
C ILE B 297 14.94 -5.65 -28.11
N ASP B 298 15.51 -5.95 -29.29
CA ASP B 298 16.15 -7.22 -29.56
C ASP B 298 17.37 -7.44 -28.67
N GLY B 299 17.40 -8.57 -27.98
CA GLY B 299 18.51 -8.89 -27.11
C GLY B 299 18.09 -9.89 -26.05
N GLU B 300 19.03 -10.18 -25.15
CA GLU B 300 18.81 -11.15 -24.10
C GLU B 300 17.91 -10.57 -23.01
N PHE B 301 17.12 -11.45 -22.40
CA PHE B 301 16.27 -11.08 -21.28
C PHE B 301 16.16 -12.25 -20.32
N LEU B 302 16.61 -12.06 -19.09
CA LEU B 302 16.43 -13.08 -18.07
C LEU B 302 14.99 -13.09 -17.61
N ILE B 303 14.38 -14.27 -17.58
CA ILE B 303 12.97 -14.39 -17.24
C ILE B 303 12.79 -14.26 -15.74
N ASP B 304 11.99 -13.26 -15.33
CA ASP B 304 11.55 -13.21 -13.94
C ASP B 304 10.66 -14.39 -13.60
N SER B 305 9.46 -14.43 -14.18
CA SER B 305 8.43 -15.35 -13.72
C SER B 305 7.61 -15.85 -14.88
N VAL B 306 7.19 -17.11 -14.78
CA VAL B 306 6.32 -17.75 -15.75
C VAL B 306 5.05 -18.16 -15.02
N GLU B 307 3.89 -17.80 -15.58
CA GLU B 307 2.60 -18.03 -14.93
C GLU B 307 1.76 -18.96 -15.80
N HIS B 308 1.93 -20.26 -15.65
CA HIS B 308 1.11 -21.22 -16.39
C HIS B 308 -0.28 -21.30 -15.78
N THR B 309 -1.31 -21.20 -16.62
CA THR B 309 -2.70 -21.23 -16.16
C THR B 309 -3.53 -22.16 -17.03
N TYR B 310 -4.50 -22.81 -16.39
CA TYR B 310 -5.69 -23.30 -17.09
C TYR B 310 -6.83 -22.33 -16.90
N SER B 311 -7.86 -22.52 -17.69
CA SER B 311 -9.10 -21.73 -17.67
C SER B 311 -10.12 -22.48 -18.50
N SER B 312 -11.23 -21.83 -18.78
CA SER B 312 -12.11 -22.27 -19.86
C SER B 312 -11.64 -21.79 -21.22
N SER B 313 -10.58 -20.98 -21.26
CA SER B 313 -9.99 -20.50 -22.50
C SER B 313 -8.76 -21.32 -22.92
N GLY B 314 -7.95 -21.75 -21.96
CA GLY B 314 -6.79 -22.57 -22.28
C GLY B 314 -5.57 -22.21 -21.46
N TRP B 315 -4.49 -21.84 -22.15
CA TRP B 315 -3.25 -21.43 -21.51
C TRP B 315 -3.02 -19.94 -21.71
N THR B 316 -2.57 -19.27 -20.65
CA THR B 316 -2.02 -17.91 -20.76
C THR B 316 -0.73 -17.94 -19.94
N THR B 317 0.38 -18.32 -20.57
CA THR B 317 1.66 -18.45 -19.86
C THR B 317 2.34 -17.08 -19.88
N VAL B 318 1.96 -16.24 -18.93
CA VAL B 318 2.49 -14.89 -18.84
C VAL B 318 3.94 -14.96 -18.40
N VAL B 319 4.83 -14.36 -19.19
CA VAL B 319 6.26 -14.40 -18.94
C VAL B 319 6.74 -12.98 -18.69
N GLN B 320 7.19 -12.69 -17.48
CA GLN B 320 7.82 -11.42 -17.16
C GLN B 320 9.34 -11.60 -17.14
N CYS B 321 10.05 -10.51 -17.41
CA CYS B 321 11.50 -10.59 -17.54
C CYS B 321 12.13 -9.33 -16.94
N ASN B 322 13.46 -9.32 -16.93
CA ASN B 322 14.26 -8.15 -16.60
C ASN B 322 15.29 -7.94 -17.70
N GLY B 323 15.96 -6.79 -17.63
CA GLY B 323 17.04 -6.51 -18.56
C GLY B 323 18.26 -7.36 -18.24
N GLY B 324 18.54 -8.33 -19.10
CA GLY B 324 19.65 -9.24 -18.88
C GLY B 324 20.89 -8.85 -19.64
N ARG B 325 20.92 -7.60 -20.10
CA ARG B 325 22.06 -6.98 -20.80
C ARG B 325 22.48 -7.72 -22.06
N MET C 1 -41.90 -8.44 4.08
CA MET C 1 -40.55 -8.00 3.77
C MET C 1 -40.56 -6.55 3.31
N GLN C 2 -40.25 -5.64 4.24
CA GLN C 2 -40.21 -4.22 3.94
C GLN C 2 -39.29 -3.52 4.92
N PRO C 3 -38.07 -3.16 4.52
CA PRO C 3 -37.14 -2.50 5.44
C PRO C 3 -37.54 -1.07 5.74
N SER C 4 -37.35 -0.68 7.00
CA SER C 4 -37.63 0.67 7.46
C SER C 4 -36.46 1.15 8.31
N PHE C 5 -36.50 2.42 8.69
CA PHE C 5 -35.38 3.04 9.38
C PHE C 5 -35.89 4.23 10.18
N ARG C 6 -35.28 4.48 11.33
CA ARG C 6 -35.59 5.65 12.14
C ARG C 6 -34.27 6.33 12.51
N ILE C 7 -34.01 7.49 11.91
CA ILE C 7 -32.79 8.24 12.13
C ILE C 7 -33.12 9.34 13.13
N VAL C 8 -32.84 9.10 14.40
CA VAL C 8 -33.12 10.07 15.45
C VAL C 8 -31.95 11.04 15.51
N ALA C 9 -32.23 12.32 15.29
CA ALA C 9 -31.15 13.30 15.16
C ALA C 9 -30.97 14.12 16.43
N ASP C 10 -32.00 14.12 17.31
CA ASP C 10 -31.99 14.83 18.61
C ASP C 10 -31.71 16.32 18.48
N GLY C 11 -32.13 16.93 17.38
CA GLY C 11 -31.86 18.35 17.18
C GLY C 11 -32.19 18.76 15.75
N THR C 12 -31.59 19.89 15.35
CA THR C 12 -31.84 20.46 14.03
C THR C 12 -30.72 20.05 13.07
N ASP C 13 -30.61 18.73 12.86
CA ASP C 13 -29.68 18.23 11.86
C ASP C 13 -30.22 18.49 10.46
N VAL C 14 -31.31 17.82 10.09
CA VAL C 14 -32.21 18.24 9.02
C VAL C 14 -33.57 18.08 9.69
N THR C 15 -34.62 18.71 9.18
CA THR C 15 -35.94 18.62 9.82
C THR C 15 -36.65 17.32 9.43
N GLN C 16 -36.04 16.18 9.78
CA GLN C 16 -36.52 14.82 9.50
C GLN C 16 -36.83 14.59 8.02
N ARG C 17 -36.05 15.25 7.15
CA ARG C 17 -36.15 15.04 5.72
C ARG C 17 -35.32 13.84 5.28
N LEU C 18 -34.51 13.29 6.20
CA LEU C 18 -33.71 12.11 5.90
C LEU C 18 -34.57 10.88 5.70
N ASN C 19 -35.78 10.88 6.28
CA ASN C 19 -36.72 9.79 6.06
C ASN C 19 -37.21 9.77 4.62
N ASP C 20 -37.15 10.92 3.94
CA ASP C 20 -37.69 11.02 2.59
C ASP C 20 -36.61 10.81 1.53
N ARG C 21 -35.37 11.17 1.84
CA ARG C 21 -34.36 11.39 0.81
C ARG C 21 -33.16 10.47 0.87
N LEU C 22 -33.23 9.34 1.56
CA LEU C 22 -32.09 8.44 1.56
C LEU C 22 -31.96 7.73 0.22
N LEU C 23 -30.75 7.23 -0.06
CA LEU C 23 -30.52 6.36 -1.19
C LEU C 23 -29.81 5.06 -0.84
N LYS C 24 -28.82 5.09 0.05
CA LYS C 24 -28.09 3.88 0.45
C LYS C 24 -27.72 4.00 1.93
N LEU C 25 -27.09 2.95 2.44
CA LEU C 25 -26.54 2.88 3.78
C LEU C 25 -25.35 1.93 3.77
N THR C 26 -24.42 2.16 4.69
CA THR C 26 -23.52 1.11 5.16
C THR C 26 -23.45 1.21 6.67
N LEU C 27 -23.02 0.13 7.30
CA LEU C 27 -22.64 0.11 8.70
C LEU C 27 -21.39 -0.73 8.85
N LEU C 28 -20.81 -0.67 10.04
CA LEU C 28 -19.74 -1.57 10.42
C LEU C 28 -19.93 -1.92 11.88
N ASP C 29 -19.28 -3.00 12.30
CA ASP C 29 -19.00 -3.24 13.71
C ASP C 29 -17.54 -3.73 13.76
N LYS C 30 -16.61 -2.78 13.78
CA LYS C 30 -15.21 -3.15 13.72
C LYS C 30 -14.55 -3.03 15.08
N PRO C 31 -14.05 -4.13 15.64
CA PRO C 31 -13.14 -4.04 16.77
C PRO C 31 -11.74 -3.58 16.39
N GLY C 32 -11.29 -3.88 15.18
CA GLY C 32 -9.92 -3.60 14.79
C GLY C 32 -9.75 -2.31 14.00
N MET C 33 -8.96 -1.39 14.55
CA MET C 33 -8.31 -0.26 13.88
C MET C 33 -9.27 0.85 13.46
N GLU C 34 -10.58 0.65 13.56
CA GLU C 34 -11.57 1.63 13.15
C GLU C 34 -12.79 1.54 14.08
N SER C 35 -13.67 2.52 13.95
CA SER C 35 -14.95 2.55 14.63
C SER C 35 -16.03 2.07 13.66
N ASP C 36 -17.29 2.25 14.04
CA ASP C 36 -18.37 2.03 13.09
C ASP C 36 -18.44 3.20 12.12
N SER C 37 -19.23 3.03 11.06
CA SER C 37 -19.32 4.08 10.04
C SER C 37 -20.66 4.00 9.33
N LEU C 38 -21.54 4.95 9.61
CA LEU C 38 -22.66 5.19 8.72
C LEU C 38 -22.18 5.71 7.38
N THR C 39 -22.97 5.46 6.34
CA THR C 39 -22.97 6.27 5.15
C THR C 39 -24.41 6.60 4.78
N LEU C 40 -24.61 7.78 4.23
CA LEU C 40 -25.90 8.17 3.71
C LEU C 40 -25.69 8.61 2.27
N ARG C 41 -26.74 8.54 1.46
CA ARG C 41 -26.72 9.20 0.16
C ARG C 41 -28.05 9.91 0.00
N ILE C 42 -28.00 11.22 -0.19
CA ILE C 42 -29.17 12.07 -0.10
C ILE C 42 -29.34 12.83 -1.40
N ASP C 43 -30.59 12.91 -1.88
CA ASP C 43 -30.90 13.61 -3.11
C ASP C 43 -30.72 15.13 -2.94
N ASP C 44 -30.73 15.82 -4.07
CA ASP C 44 -30.92 17.26 -4.15
C ASP C 44 -31.91 17.55 -5.26
N ARG C 45 -32.89 18.39 -4.98
CA ARG C 45 -33.66 19.05 -6.03
C ARG C 45 -33.12 20.47 -6.22
N ASP C 46 -31.90 20.49 -6.76
CA ASP C 46 -31.08 21.71 -6.94
C ASP C 46 -30.90 22.46 -5.63
N GLY C 47 -30.71 21.70 -4.55
CA GLY C 47 -30.41 22.26 -3.25
C GLY C 47 -31.62 22.29 -2.34
N GLN C 48 -31.75 21.27 -1.50
CA GLN C 48 -32.81 21.24 -0.51
C GLN C 48 -32.23 20.88 0.85
N VAL C 49 -31.21 20.03 0.86
CA VAL C 49 -30.59 19.55 2.08
C VAL C 49 -29.35 20.39 2.33
N ALA C 50 -29.38 21.18 3.40
CA ALA C 50 -28.23 21.98 3.77
C ALA C 50 -27.14 21.08 4.36
N LEU C 51 -25.94 21.62 4.43
CA LEU C 51 -24.83 20.91 5.05
C LEU C 51 -25.09 20.78 6.55
N PRO C 52 -25.18 19.57 7.09
CA PRO C 52 -25.57 19.41 8.50
C PRO C 52 -24.48 19.77 9.48
N ARG C 53 -24.79 19.68 10.78
CA ARG C 53 -23.81 19.97 11.81
C ARG C 53 -22.75 18.89 11.84
N ARG C 54 -21.50 19.27 11.54
CA ARG C 54 -20.39 18.32 11.54
C ARG C 54 -20.04 18.03 12.99
N GLY C 55 -20.70 17.01 13.55
CA GLY C 55 -20.64 16.75 14.97
C GLY C 55 -22.02 16.69 15.59
N ALA C 56 -23.02 16.36 14.78
CA ALA C 56 -24.38 16.15 15.26
C ALA C 56 -24.60 14.68 15.58
N VAL C 57 -25.19 14.42 16.75
CA VAL C 57 -25.42 13.05 17.20
C VAL C 57 -26.59 12.47 16.42
N LEU C 58 -26.37 11.31 15.79
CA LEU C 58 -27.43 10.59 15.09
C LEU C 58 -27.64 9.23 15.73
N GLU C 59 -28.89 8.91 16.01
CA GLU C 59 -29.28 7.59 16.50
C GLU C 59 -29.97 6.85 15.36
N VAL C 60 -29.54 5.62 15.11
CA VAL C 60 -29.99 4.85 13.95
C VAL C 60 -30.69 3.60 14.45
N HIS C 61 -31.89 3.36 13.92
CA HIS C 61 -32.61 2.11 14.12
C HIS C 61 -32.93 1.51 12.76
N LEU C 62 -32.70 0.21 12.63
CA LEU C 62 -32.97 -0.53 11.41
C LEU C 62 -33.80 -1.76 11.71
N GLY C 63 -34.27 -2.39 10.66
CA GLY C 63 -35.12 -3.57 10.75
C GLY C 63 -36.22 -3.49 9.73
N TYR C 64 -37.20 -4.37 9.86
CA TYR C 64 -38.28 -4.48 8.91
C TYR C 64 -39.52 -3.76 9.43
N ALA C 65 -40.36 -3.31 8.49
CA ALA C 65 -41.62 -2.69 8.85
C ALA C 65 -42.61 -3.77 9.28
N GLY C 66 -43.17 -3.61 10.48
CA GLY C 66 -44.00 -4.63 11.08
C GLY C 66 -43.28 -5.50 12.10
N GLU C 67 -42.06 -5.15 12.45
CA GLU C 67 -41.25 -5.86 13.44
C GLU C 67 -40.60 -4.82 14.33
N PRO C 68 -40.24 -5.17 15.56
CA PRO C 68 -39.49 -4.23 16.40
C PRO C 68 -38.07 -4.03 15.87
N LEU C 69 -37.67 -2.77 15.80
CA LEU C 69 -36.37 -2.42 15.23
C LEU C 69 -35.25 -2.77 16.20
N MET C 70 -34.09 -3.11 15.66
CA MET C 70 -32.98 -3.52 16.50
C MET C 70 -32.14 -2.32 16.92
N ARG C 71 -31.42 -2.51 18.04
CA ARG C 71 -30.40 -1.56 18.45
C ARG C 71 -29.27 -1.55 17.43
N MET C 72 -29.01 -0.41 16.83
CA MET C 72 -27.98 -0.33 15.81
C MET C 72 -26.80 0.55 16.20
N GLY C 73 -27.01 1.52 17.07
CA GLY C 73 -25.94 2.36 17.56
C GLY C 73 -26.28 3.84 17.47
N ARG C 74 -25.35 4.65 17.95
CA ARG C 74 -25.44 6.09 17.90
C ARG C 74 -24.19 6.64 17.24
N PHE C 75 -24.35 7.73 16.47
CA PHE C 75 -23.32 8.16 15.56
C PHE C 75 -23.20 9.68 15.54
N THR C 76 -22.00 10.17 15.20
CA THR C 76 -21.71 11.61 15.07
C THR C 76 -21.03 11.89 13.75
N VAL C 77 -21.56 12.85 13.00
CA VAL C 77 -21.15 13.11 11.62
C VAL C 77 -19.75 13.69 11.57
N ASP C 78 -18.89 13.11 10.73
CA ASP C 78 -17.56 13.66 10.50
C ASP C 78 -17.34 14.14 9.07
N THR C 79 -17.47 13.28 8.07
CA THR C 79 -17.07 13.65 6.71
C THR C 79 -18.28 13.79 5.81
N LEU C 80 -18.14 14.64 4.79
CA LEU C 80 -19.23 14.97 3.86
C LEU C 80 -18.66 15.07 2.46
N GLN C 81 -19.40 14.55 1.48
CA GLN C 81 -18.98 14.70 0.09
C GLN C 81 -20.08 15.32 -0.76
N TRP C 82 -19.89 15.34 -2.08
CA TRP C 82 -20.92 15.69 -3.04
C TRP C 82 -20.74 14.80 -4.26
N ALA C 83 -21.45 15.13 -5.33
CA ALA C 83 -21.35 14.36 -6.55
C ALA C 83 -21.62 15.27 -7.74
N GLY C 84 -21.69 14.68 -8.91
CA GLY C 84 -21.76 15.41 -10.15
C GLY C 84 -23.18 15.70 -10.57
N PRO C 85 -23.63 15.05 -11.65
CA PRO C 85 -24.99 15.22 -12.12
C PRO C 85 -26.09 14.81 -11.14
N PRO C 86 -26.05 13.64 -10.45
CA PRO C 86 -27.21 13.31 -9.61
C PRO C 86 -27.26 14.06 -8.27
N ASP C 87 -26.19 14.75 -7.88
CA ASP C 87 -26.10 15.55 -6.66
C ASP C 87 -26.34 14.71 -5.40
N CYS C 88 -25.41 13.80 -5.15
CA CYS C 88 -25.48 12.93 -4.00
C CYS C 88 -24.85 13.60 -2.77
N LEU C 89 -24.65 12.82 -1.72
CA LEU C 89 -23.95 13.18 -0.50
C LEU C 89 -23.40 11.89 0.09
N THR C 90 -22.38 12.00 0.95
CA THR C 90 -21.99 10.87 1.81
C THR C 90 -21.83 11.44 3.21
N VAL C 91 -22.93 11.46 3.96
CA VAL C 91 -22.89 11.94 5.33
C VAL C 91 -22.43 10.77 6.19
N THR C 92 -21.12 10.64 6.37
CA THR C 92 -20.58 9.55 7.17
C THR C 92 -20.46 9.97 8.62
N ALA C 93 -20.48 8.98 9.51
CA ALA C 93 -20.55 9.26 10.92
C ALA C 93 -19.89 8.14 11.71
N LYS C 94 -19.08 8.52 12.69
CA LYS C 94 -18.31 7.56 13.48
C LYS C 94 -18.99 7.32 14.82
N ALA C 95 -18.31 6.61 15.72
CA ALA C 95 -18.97 5.92 16.82
C ALA C 95 -19.34 6.85 17.98
N GLY C 96 -18.35 7.51 18.57
CA GLY C 96 -18.53 8.08 19.90
C GLY C 96 -19.40 9.32 19.89
N ASP C 97 -20.34 9.39 20.86
CA ASP C 97 -21.30 10.48 20.92
C ASP C 97 -20.69 11.73 21.55
N MET C 98 -20.21 11.62 22.79
CA MET C 98 -19.64 12.76 23.48
C MET C 98 -18.33 13.21 22.86
N ARG C 99 -17.60 12.29 22.24
CA ARG C 99 -16.37 12.60 21.52
C ARG C 99 -16.40 11.86 20.18
N GLY C 100 -16.38 12.62 19.09
CA GLY C 100 -16.36 12.04 17.76
C GLY C 100 -14.97 12.05 17.17
N SER C 101 -14.70 13.03 16.31
CA SER C 101 -13.37 13.23 15.75
C SER C 101 -12.66 14.43 16.37
N GLY C 102 -13.01 14.79 17.60
CA GLY C 102 -12.41 15.94 18.25
C GLY C 102 -12.23 15.71 19.73
N LYS C 103 -11.25 16.45 20.29
CA LYS C 103 -10.97 16.55 21.73
C LYS C 103 -10.56 15.21 22.34
N THR C 104 -9.76 14.42 21.62
CA THR C 104 -9.35 13.09 22.11
C THR C 104 -7.84 12.95 22.16
N ILE C 105 -7.09 14.03 21.97
CA ILE C 105 -5.66 13.93 21.64
C ILE C 105 -4.86 14.50 22.80
N ARG C 106 -5.33 14.27 24.02
CA ARG C 106 -4.58 14.59 25.23
C ARG C 106 -3.92 13.32 25.76
N SER C 107 -2.59 13.32 25.76
CA SER C 107 -1.78 12.14 26.05
C SER C 107 -1.00 12.34 27.34
N GLY C 108 -0.24 11.33 27.72
CA GLY C 108 0.56 11.41 28.91
C GLY C 108 1.31 10.11 29.17
N GLY C 109 1.88 10.02 30.37
CA GLY C 109 2.59 8.83 30.78
C GLY C 109 2.25 8.45 32.21
N TRP C 110 2.38 7.16 32.49
CA TRP C 110 2.02 6.59 33.78
C TRP C 110 3.28 6.14 34.53
N GLU C 111 3.09 5.87 35.83
CA GLU C 111 4.18 5.51 36.71
C GLU C 111 4.26 3.99 36.86
N GLY C 112 5.09 3.53 37.80
CA GLY C 112 5.29 2.10 37.95
C GLY C 112 4.13 1.42 38.66
N THR C 113 3.54 2.09 39.65
CA THR C 113 2.43 1.53 40.42
C THR C 113 1.11 1.82 39.72
N THR C 114 0.99 1.30 38.50
CA THR C 114 -0.22 1.41 37.70
C THR C 114 -0.61 0.00 37.25
N LEU C 115 -1.67 -0.53 37.83
CA LEU C 115 -2.21 -1.83 37.40
C LEU C 115 -2.78 -1.68 36.00
N ALA C 116 -2.18 -2.39 35.05
CA ALA C 116 -2.51 -2.20 33.63
C ALA C 116 -3.92 -2.68 33.32
N GLN C 117 -4.56 -1.95 32.41
CA GLN C 117 -5.94 -2.15 31.95
C GLN C 117 -6.98 -1.99 33.06
N VAL C 118 -6.58 -1.36 34.17
CA VAL C 118 -7.48 -0.84 35.20
C VAL C 118 -7.12 0.62 35.40
N CYS C 119 -5.83 0.87 35.65
CA CYS C 119 -5.29 2.23 35.72
C CYS C 119 -4.95 2.80 34.35
N ARG C 120 -5.34 2.12 33.27
CA ARG C 120 -5.18 2.62 31.92
C ARG C 120 -6.48 3.11 31.30
N ASP C 121 -7.59 2.42 31.54
CA ASP C 121 -8.88 2.77 30.95
C ASP C 121 -9.94 3.07 32.00
N VAL C 122 -10.03 2.25 33.04
CA VAL C 122 -10.99 2.52 34.10
C VAL C 122 -10.49 3.65 34.99
N GLY C 123 -9.20 3.66 35.31
CA GLY C 123 -8.64 4.65 36.19
C GLY C 123 -7.88 5.79 35.53
N ALA C 124 -7.89 5.88 34.20
CA ALA C 124 -7.15 6.97 33.55
C ALA C 124 -7.99 7.72 32.52
N ARG C 125 -8.91 7.04 31.85
CA ARG C 125 -9.68 7.65 30.77
C ARG C 125 -10.95 8.35 31.25
N ASN C 126 -11.14 8.48 32.56
CA ASN C 126 -12.29 9.18 33.12
C ASN C 126 -12.03 10.65 33.35
N GLY C 127 -10.79 11.11 33.23
CA GLY C 127 -10.46 12.51 33.43
C GLY C 127 -10.40 13.30 32.14
N TRP C 128 -11.52 13.30 31.40
CA TRP C 128 -11.69 14.03 30.12
C TRP C 128 -10.68 13.56 29.07
N ARG C 129 -10.80 12.30 28.69
CA ARG C 129 -9.96 11.67 27.68
C ARG C 129 -10.83 11.21 26.51
N VAL C 130 -10.23 10.36 25.65
CA VAL C 130 -10.71 9.89 24.35
C VAL C 130 -12.19 9.55 24.30
N GLU C 131 -12.60 8.68 25.21
CA GLU C 131 -14.00 8.30 25.37
C GLU C 131 -14.16 7.76 26.79
N CYS C 132 -14.96 8.45 27.59
CA CYS C 132 -14.81 8.36 29.04
C CYS C 132 -15.25 7.02 29.67
N PRO C 133 -16.49 6.52 29.51
CA PRO C 133 -16.89 5.43 30.42
C PRO C 133 -16.50 4.04 29.95
N LEU C 134 -15.59 3.91 28.98
CA LEU C 134 -15.22 2.58 28.54
C LEU C 134 -14.25 1.93 29.52
N GLN C 135 -14.42 0.62 29.72
CA GLN C 135 -13.79 -0.12 30.79
C GLN C 135 -13.16 -1.39 30.22
N VAL C 136 -12.24 -1.96 31.00
CA VAL C 136 -11.62 -3.24 30.70
C VAL C 136 -11.74 -4.11 31.94
N ALA C 137 -12.24 -5.33 31.76
CA ALA C 137 -12.45 -6.25 32.87
C ALA C 137 -11.23 -7.11 33.18
N ILE C 138 -10.05 -6.73 32.70
CA ILE C 138 -8.81 -7.42 33.06
C ILE C 138 -8.14 -6.65 34.19
N ALA C 139 -7.96 -7.31 35.32
CA ALA C 139 -7.43 -6.70 36.54
C ALA C 139 -6.24 -7.50 37.07
N ARG C 140 -5.30 -7.80 36.19
CA ARG C 140 -4.16 -8.63 36.57
C ARG C 140 -3.10 -7.80 37.31
N VAL C 141 -2.23 -8.51 38.02
CA VAL C 141 -1.20 -7.89 38.85
C VAL C 141 -0.12 -7.33 37.92
N ASP C 142 -0.08 -6.00 37.80
CA ASP C 142 0.83 -5.32 36.87
C ASP C 142 1.48 -4.15 37.61
N GLN C 143 2.71 -4.35 38.07
CA GLN C 143 3.46 -3.29 38.75
C GLN C 143 4.74 -2.97 37.98
N VAL C 144 4.60 -2.82 36.66
CA VAL C 144 5.72 -2.60 35.76
C VAL C 144 5.75 -1.12 35.40
N ASN C 145 6.96 -0.56 35.29
CA ASN C 145 7.16 0.79 34.77
C ASN C 145 6.66 0.87 33.34
N GLU C 146 5.54 1.56 33.13
CA GLU C 146 4.89 1.61 31.81
C GLU C 146 4.31 3.00 31.58
N SER C 147 4.50 3.49 30.35
CA SER C 147 4.07 4.83 29.99
C SER C 147 4.03 4.94 28.48
N ASP C 148 3.15 5.81 27.99
CA ASP C 148 3.16 6.23 26.60
C ASP C 148 4.15 7.38 26.47
N TYR C 149 5.19 7.20 25.66
CA TYR C 149 6.19 8.27 25.50
C TYR C 149 5.59 9.44 24.74
N HIS C 150 5.24 9.24 23.47
CA HIS C 150 4.34 10.14 22.77
C HIS C 150 3.63 9.33 21.68
N PHE C 151 2.43 8.87 21.99
CA PHE C 151 1.59 8.16 21.04
C PHE C 151 0.31 8.95 20.85
N VAL C 152 -0.26 8.86 19.64
CA VAL C 152 -1.64 9.30 19.44
C VAL C 152 -2.53 8.46 20.34
N THR C 153 -3.47 9.11 21.02
CA THR C 153 -4.18 8.47 22.12
C THR C 153 -5.15 7.37 21.67
N ARG C 154 -5.48 7.31 20.39
CA ARG C 154 -6.18 6.15 19.83
C ARG C 154 -5.22 5.10 19.27
N LEU C 155 -3.98 5.49 18.99
CA LEU C 155 -2.92 4.53 18.74
C LEU C 155 -2.21 4.11 20.02
N ALA C 156 -2.34 4.91 21.09
CA ALA C 156 -1.80 4.53 22.39
C ALA C 156 -2.56 3.38 23.01
N ARG C 157 -3.82 3.17 22.61
CA ARG C 157 -4.50 1.93 22.93
C ARG C 157 -3.94 0.77 22.11
N GLN C 158 -3.36 1.06 20.95
CA GLN C 158 -2.92 0.00 20.05
C GLN C 158 -1.44 -0.36 20.24
N TYR C 159 -0.56 0.62 20.40
CA TYR C 159 0.86 0.30 20.55
C TYR C 159 1.21 -0.27 21.91
N ASP C 160 0.38 -0.06 22.93
CA ASP C 160 0.70 -0.54 24.27
C ASP C 160 -0.44 -1.21 25.02
N CYS C 161 -1.70 -1.10 24.59
CA CYS C 161 -2.79 -1.55 25.44
C CYS C 161 -3.59 -2.69 24.84
N THR C 162 -4.13 -2.52 23.63
CA THR C 162 -5.14 -3.43 23.10
C THR C 162 -4.73 -4.21 21.86
N ALA C 163 -3.47 -4.09 21.42
CA ALA C 163 -2.95 -4.98 20.38
C ALA C 163 -1.71 -5.73 20.83
N LYS C 164 -0.72 -5.05 21.40
CA LYS C 164 0.50 -5.72 21.83
C LYS C 164 0.30 -6.40 23.18
N LEU C 165 -0.24 -5.68 24.15
CA LEU C 165 -0.61 -6.23 25.46
C LEU C 165 -2.09 -6.53 25.49
N ALA C 166 -2.59 -7.01 24.36
CA ALA C 166 -4.03 -7.27 24.20
C ALA C 166 -4.47 -8.44 25.07
N GLU C 167 -3.92 -9.63 24.80
CA GLU C 167 -4.43 -10.91 25.26
C GLU C 167 -5.91 -11.07 24.89
N GLY C 168 -6.26 -10.60 23.69
CA GLY C 168 -7.58 -10.77 23.13
C GLY C 168 -8.48 -9.55 23.12
N MET C 169 -7.94 -8.34 23.29
CA MET C 169 -8.76 -7.14 23.47
C MET C 169 -9.55 -6.77 22.21
N LEU C 170 -10.70 -6.12 22.43
CA LEU C 170 -11.63 -5.75 21.37
C LEU C 170 -11.54 -4.29 20.96
N MET C 171 -11.37 -3.38 21.93
CA MET C 171 -11.42 -1.90 21.81
C MET C 171 -12.53 -1.39 20.89
N VAL C 172 -13.73 -1.96 21.01
CA VAL C 172 -14.87 -1.56 20.18
C VAL C 172 -15.37 -0.21 20.66
N LEU C 173 -15.19 0.82 19.84
CA LEU C 173 -15.55 2.20 20.17
C LEU C 173 -17.03 2.52 20.41
N PRO C 174 -18.02 1.96 19.69
CA PRO C 174 -19.42 2.24 20.06
C PRO C 174 -19.80 1.60 21.39
N ARG C 175 -20.81 2.22 22.02
CA ARG C 175 -21.41 1.85 23.31
C ARG C 175 -20.46 1.94 24.49
N GLN C 176 -19.23 2.47 24.26
CA GLN C 176 -18.24 2.78 25.29
C GLN C 176 -17.86 1.54 26.11
N SER C 177 -17.28 0.55 25.42
CA SER C 177 -16.87 -0.69 26.06
C SER C 177 -15.80 -1.38 25.22
N GLY C 178 -14.58 -1.46 25.74
CA GLY C 178 -13.57 -2.27 25.11
C GLY C 178 -13.23 -3.50 25.93
N GLN C 179 -13.71 -4.66 25.50
CA GLN C 179 -13.59 -5.91 26.23
C GLN C 179 -12.52 -6.80 25.60
N SER C 180 -12.44 -8.04 26.08
CA SER C 180 -11.64 -9.05 25.42
C SER C 180 -12.51 -9.90 24.52
N ALA C 181 -11.86 -10.73 23.72
CA ALA C 181 -12.56 -11.62 22.81
C ALA C 181 -12.87 -12.94 23.53
N THR C 182 -13.20 -13.97 22.74
CA THR C 182 -13.56 -15.33 23.21
C THR C 182 -14.79 -15.30 24.13
N GLY C 183 -15.73 -14.42 23.82
CA GLY C 183 -17.07 -14.51 24.35
C GLY C 183 -17.27 -14.22 25.83
N ARG C 184 -17.12 -12.96 26.23
CA ARG C 184 -17.44 -12.59 27.60
C ARG C 184 -18.93 -12.57 27.89
N ARG C 185 -19.77 -12.56 26.85
CA ARG C 185 -21.23 -12.47 27.01
C ARG C 185 -21.88 -13.62 26.25
N ILE C 186 -22.89 -14.23 26.87
CA ILE C 186 -23.45 -15.51 26.40
C ILE C 186 -24.45 -15.21 25.29
N GLU C 187 -24.01 -15.30 24.04
CA GLU C 187 -24.87 -15.08 22.88
C GLU C 187 -24.48 -16.06 21.77
N PRO C 188 -25.25 -17.15 21.60
CA PRO C 188 -25.05 -18.01 20.43
C PRO C 188 -26.00 -17.71 19.26
N LEU C 189 -25.71 -18.25 18.08
CA LEU C 189 -26.65 -18.27 16.96
C LEU C 189 -26.51 -19.58 16.19
N VAL C 190 -27.41 -19.77 15.23
CA VAL C 190 -27.41 -20.93 14.34
C VAL C 190 -27.65 -20.44 12.92
N LEU C 191 -26.73 -20.78 12.01
CA LEU C 191 -26.88 -20.49 10.60
C LEU C 191 -26.80 -21.77 9.79
N GLY C 192 -27.34 -21.74 8.58
CA GLY C 192 -27.35 -22.93 7.74
C GLY C 192 -27.09 -22.65 6.27
N ARG C 193 -27.67 -23.47 5.40
CA ARG C 193 -27.63 -23.20 3.97
C ARG C 193 -28.80 -22.36 3.50
N ALA C 194 -29.94 -22.44 4.19
CA ALA C 194 -31.16 -21.77 3.77
C ALA C 194 -31.28 -20.35 4.32
N ASP C 195 -30.17 -19.73 4.70
CA ASP C 195 -30.19 -18.38 5.23
C ASP C 195 -29.19 -17.51 4.48
N VAL C 196 -28.14 -18.13 3.95
CA VAL C 196 -26.92 -17.44 3.59
C VAL C 196 -26.85 -17.27 2.08
N GLY C 197 -26.45 -16.07 1.63
CA GLY C 197 -26.28 -15.78 0.23
C GLY C 197 -25.00 -16.27 -0.41
N SER C 198 -23.86 -16.05 0.23
CA SER C 198 -22.56 -16.40 -0.35
C SER C 198 -21.57 -16.67 0.78
N PHE C 199 -20.33 -16.99 0.40
CA PHE C 199 -19.31 -17.39 1.36
C PHE C 199 -17.95 -16.90 0.90
N ASP C 200 -17.02 -16.82 1.86
CA ASP C 200 -15.58 -16.90 1.64
C ASP C 200 -15.00 -17.50 2.92
N VAL C 201 -14.88 -18.82 2.96
CA VAL C 201 -14.40 -19.51 4.16
C VAL C 201 -12.94 -19.83 3.91
N THR C 202 -12.06 -18.92 4.32
CA THR C 202 -10.65 -19.04 4.02
C THR C 202 -9.92 -19.79 5.13
N PHE C 203 -8.69 -20.21 4.83
CA PHE C 203 -7.80 -20.80 5.81
C PHE C 203 -6.38 -20.35 5.48
N ASP C 204 -5.54 -20.30 6.52
CA ASP C 204 -4.14 -19.91 6.35
C ASP C 204 -3.25 -20.83 7.18
N ASP C 205 -2.16 -21.28 6.56
CA ASP C 205 -1.10 -21.95 7.28
C ASP C 205 0.21 -21.17 7.22
N ARG C 206 0.22 -20.00 6.58
CA ARG C 206 1.35 -19.09 6.72
C ARG C 206 1.44 -18.53 8.13
N SER C 207 0.32 -18.43 8.82
CA SER C 207 0.24 -17.80 10.13
C SER C 207 -0.18 -18.80 11.21
N LEU C 208 0.35 -20.02 11.13
CA LEU C 208 0.16 -21.00 12.20
C LEU C 208 1.31 -20.90 13.20
N MET C 209 0.97 -20.67 14.46
CA MET C 209 1.94 -20.86 15.52
C MET C 209 1.93 -22.32 15.93
N ARG C 210 3.03 -22.74 16.56
CA ARG C 210 3.10 -24.08 17.13
C ARG C 210 3.59 -23.94 18.58
N THR C 211 4.42 -22.93 18.80
CA THR C 211 4.69 -22.36 20.12
C THR C 211 4.62 -20.84 19.98
N VAL C 212 4.58 -20.14 21.11
CA VAL C 212 4.65 -18.68 21.13
C VAL C 212 5.64 -18.28 22.22
N LYS C 213 6.74 -17.66 21.83
CA LYS C 213 7.79 -17.30 22.78
C LYS C 213 8.03 -15.79 22.74
N THR C 214 8.26 -15.20 23.92
CA THR C 214 8.40 -13.76 24.10
C THR C 214 9.77 -13.46 24.72
N ARG C 215 9.96 -12.19 25.11
CA ARG C 215 11.21 -11.72 25.68
C ARG C 215 10.98 -11.01 27.00
N TYR C 216 12.02 -10.99 27.84
CA TYR C 216 11.94 -10.44 29.19
C TYR C 216 12.99 -9.38 29.43
N GLN C 217 13.16 -8.99 30.70
CA GLN C 217 14.20 -8.05 31.09
C GLN C 217 15.58 -8.64 30.89
N LEU C 218 16.59 -7.76 30.84
CA LEU C 218 17.96 -8.17 30.62
C LEU C 218 18.55 -8.94 31.81
N PRO C 219 18.35 -8.53 33.09
CA PRO C 219 18.85 -9.50 34.07
C PRO C 219 17.80 -10.56 34.41
N VAL C 227 17.51 -12.30 29.52
CA VAL C 227 16.28 -12.42 28.75
C VAL C 227 15.83 -13.87 28.72
N GLU C 228 14.59 -14.11 29.14
CA GLU C 228 14.02 -15.45 29.21
C GLU C 228 12.73 -15.48 28.39
N LEU C 229 11.99 -16.58 28.51
CA LEU C 229 10.79 -16.77 27.71
C LEU C 229 9.87 -17.77 28.42
N LYS C 230 8.57 -17.52 28.34
CA LYS C 230 7.56 -18.48 28.77
C LYS C 230 6.59 -18.71 27.62
N ASN C 231 6.27 -19.98 27.37
CA ASN C 231 5.58 -20.34 26.14
C ASN C 231 4.39 -21.25 26.36
N PRO C 232 3.33 -21.08 25.56
CA PRO C 232 2.33 -22.14 25.40
C PRO C 232 2.74 -23.11 24.32
N LYS C 233 2.22 -24.33 24.43
CA LYS C 233 2.67 -25.45 23.59
C LYS C 233 1.55 -26.08 22.77
N ALA C 234 0.33 -25.54 22.80
CA ALA C 234 -0.77 -26.07 22.00
C ALA C 234 -1.70 -24.93 21.60
N PRO C 235 -1.41 -24.27 20.47
CA PRO C 235 -2.28 -23.19 19.98
C PRO C 235 -3.50 -23.71 19.20
N ALA C 236 -4.33 -24.47 19.92
CA ALA C 236 -5.49 -25.20 19.41
C ALA C 236 -5.15 -26.15 18.26
N THR C 237 -3.90 -26.62 18.20
CA THR C 237 -3.45 -27.57 17.18
C THR C 237 -2.56 -28.61 17.85
N ALA C 238 -2.65 -29.84 17.34
CA ALA C 238 -1.75 -30.91 17.72
C ALA C 238 -1.01 -31.48 16.52
N MET C 239 -1.24 -30.92 15.33
CA MET C 239 -0.56 -31.39 14.12
C MET C 239 0.82 -30.77 13.95
N GLY C 240 1.17 -29.78 14.78
CA GLY C 240 2.42 -29.09 14.65
C GLY C 240 3.35 -29.33 15.84
N GLU C 241 4.62 -29.00 15.64
CA GLU C 241 5.65 -29.29 16.64
C GLU C 241 6.35 -28.03 17.14
N HIS C 242 6.92 -27.21 16.26
CA HIS C 242 7.67 -26.04 16.70
C HIS C 242 7.55 -24.87 15.73
N VAL C 243 7.16 -23.72 16.25
CA VAL C 243 7.25 -22.41 15.61
C VAL C 243 7.66 -21.41 16.69
N ASP C 244 8.74 -20.67 16.45
CA ASP C 244 9.27 -19.72 17.43
C ASP C 244 9.39 -18.36 16.77
N ARG C 245 8.58 -17.40 17.21
CA ARG C 245 8.54 -16.07 16.62
C ARG C 245 8.66 -15.00 17.71
N HIS C 246 9.45 -13.97 17.42
CA HIS C 246 9.68 -12.86 18.32
C HIS C 246 9.56 -11.55 17.54
N LEU C 247 9.01 -10.53 18.17
CA LEU C 247 8.94 -9.22 17.55
C LEU C 247 9.67 -8.13 18.34
N TYR C 248 9.36 -7.97 19.62
CA TYR C 248 9.91 -6.88 20.42
C TYR C 248 10.18 -7.39 21.83
N THR C 249 10.95 -6.62 22.58
CA THR C 249 11.25 -6.95 23.96
C THR C 249 10.13 -6.49 24.88
N SER C 250 10.25 -6.80 26.16
CA SER C 250 9.27 -6.43 27.16
C SER C 250 9.93 -6.43 28.52
N ARG C 251 9.28 -5.77 29.48
CA ARG C 251 9.76 -5.73 30.86
C ARG C 251 9.00 -6.71 31.76
N GLY C 252 7.69 -6.57 31.85
CA GLY C 252 6.89 -7.53 32.60
C GLY C 252 5.57 -7.80 31.92
N GLU C 253 5.36 -7.16 30.78
CA GLU C 253 4.07 -7.24 30.10
C GLU C 253 3.88 -8.57 29.39
N ALA C 254 4.94 -9.07 28.73
CA ALA C 254 4.86 -10.33 28.00
C ALA C 254 5.17 -11.54 28.87
N GLU C 255 5.01 -11.40 30.19
CA GLU C 255 5.06 -12.57 31.06
C GLU C 255 3.83 -13.44 30.86
N GLN C 256 2.70 -12.84 30.50
CA GLN C 256 1.50 -13.57 30.16
C GLN C 256 0.92 -13.18 28.80
N ALA C 257 1.56 -12.26 28.08
CA ALA C 257 1.07 -11.81 26.78
C ALA C 257 1.56 -12.68 25.62
N ALA C 258 2.04 -13.88 25.91
CA ALA C 258 2.16 -14.89 24.87
C ALA C 258 0.80 -15.42 24.45
N LYS C 259 -0.21 -15.26 25.30
CA LYS C 259 -1.59 -15.56 24.94
C LYS C 259 -2.16 -14.56 23.94
N ALA C 260 -1.55 -13.38 23.81
CA ALA C 260 -1.98 -12.41 22.81
C ALA C 260 -1.67 -12.90 21.40
N ARG C 261 -0.47 -13.45 21.19
CA ARG C 261 -0.10 -13.96 19.89
C ARG C 261 -0.74 -15.31 19.59
N LEU C 262 -1.34 -15.97 20.58
CA LEU C 262 -2.15 -17.16 20.31
C LEU C 262 -3.39 -16.79 19.52
N ALA C 263 -3.94 -15.59 19.76
CA ALA C 263 -5.13 -15.17 19.04
C ALA C 263 -4.78 -14.66 17.65
N SER C 264 -3.90 -13.65 17.58
CA SER C 264 -3.72 -12.84 16.37
C SER C 264 -3.14 -13.62 15.19
N PHE C 265 -2.54 -14.78 15.44
CA PHE C 265 -2.15 -15.65 14.33
C PHE C 265 -3.22 -16.68 14.00
N SER C 266 -3.95 -17.16 15.02
CA SER C 266 -5.02 -18.12 14.80
C SER C 266 -6.36 -17.47 14.50
N ARG C 267 -6.48 -16.14 14.65
CA ARG C 267 -7.64 -15.45 14.11
C ARG C 267 -7.63 -15.45 12.59
N SER C 268 -6.46 -15.48 11.98
CA SER C 268 -6.32 -15.62 10.54
C SER C 268 -6.31 -17.08 10.09
N SER C 269 -6.39 -18.03 11.03
CA SER C 269 -6.35 -19.44 10.67
C SER C 269 -7.64 -19.89 10.01
N ALA C 270 -8.77 -19.32 10.42
CA ALA C 270 -10.06 -19.61 9.81
C ALA C 270 -10.88 -18.33 9.79
N SER C 271 -11.38 -17.95 8.62
CA SER C 271 -12.05 -16.66 8.48
C SER C 271 -13.15 -16.81 7.44
N VAL C 272 -14.40 -16.78 7.89
CA VAL C 272 -15.53 -16.83 6.96
C VAL C 272 -15.92 -15.39 6.62
N ARG C 273 -16.61 -15.23 5.50
CA ARG C 273 -17.16 -13.94 5.11
C ARG C 273 -18.43 -14.22 4.33
N LEU C 274 -19.55 -14.25 5.05
CA LEU C 274 -20.80 -14.77 4.51
C LEU C 274 -21.84 -13.67 4.44
N GLU C 275 -22.55 -13.60 3.31
CA GLU C 275 -23.57 -12.59 3.11
C GLU C 275 -24.93 -13.12 3.50
N LEU C 276 -25.78 -12.23 4.00
CA LEU C 276 -27.09 -12.57 4.51
C LEU C 276 -28.06 -11.47 4.12
N PRO C 277 -29.35 -11.81 3.98
CA PRO C 277 -30.38 -10.78 4.02
C PRO C 277 -30.56 -10.24 5.43
N GLY C 278 -31.38 -9.21 5.56
CA GLY C 278 -31.45 -8.42 6.77
C GLY C 278 -31.99 -9.11 8.00
N ARG C 279 -31.17 -9.19 9.04
CA ARG C 279 -31.60 -9.64 10.35
C ARG C 279 -31.47 -8.56 11.42
N GLY C 280 -30.29 -7.96 11.55
CA GLY C 280 -30.03 -7.09 12.67
C GLY C 280 -29.75 -7.81 13.97
N ASP C 281 -29.58 -9.14 13.93
CA ASP C 281 -29.26 -9.94 15.11
C ASP C 281 -27.78 -10.30 15.15
N LEU C 282 -26.92 -9.42 14.62
CA LEU C 282 -25.55 -9.76 14.29
C LEU C 282 -24.64 -8.64 14.79
N PHE C 283 -23.77 -8.96 15.75
CA PHE C 283 -22.87 -7.98 16.33
C PHE C 283 -21.47 -8.57 16.42
N ALA C 284 -20.50 -7.71 16.71
CA ALA C 284 -19.10 -8.11 16.72
C ALA C 284 -18.70 -8.92 17.95
N GLU C 285 -19.60 -9.11 18.91
CA GLU C 285 -19.28 -9.82 20.13
C GLU C 285 -19.95 -11.19 20.21
N ARG C 286 -20.66 -11.60 19.16
CA ARG C 286 -21.46 -12.80 19.18
C ARG C 286 -20.76 -13.91 18.39
N SER C 287 -20.90 -15.14 18.86
CA SER C 287 -20.32 -16.30 18.19
C SER C 287 -21.38 -16.99 17.33
N LEU C 288 -20.95 -17.52 16.19
CA LEU C 288 -21.83 -18.21 15.26
C LEU C 288 -21.56 -19.71 15.27
N LEU C 289 -22.62 -20.49 15.16
CA LEU C 289 -22.51 -21.94 14.98
C LEU C 289 -22.96 -22.23 13.56
N LEU C 290 -22.00 -22.32 12.64
CA LEU C 290 -22.27 -22.54 11.23
C LEU C 290 -22.62 -24.02 11.05
N GLN C 291 -23.90 -24.33 11.24
CA GLN C 291 -24.40 -25.68 11.02
C GLN C 291 -24.78 -25.87 9.56
N GLY C 292 -24.93 -27.13 9.17
CA GLY C 292 -25.30 -27.43 7.81
C GLY C 292 -24.19 -27.27 6.79
N PHE C 293 -22.95 -27.49 7.19
CA PHE C 293 -21.82 -27.35 6.28
C PHE C 293 -20.98 -28.61 6.29
N LYS C 294 -19.78 -28.50 5.74
CA LYS C 294 -18.92 -29.65 5.49
C LYS C 294 -18.14 -30.02 6.75
N ALA C 295 -17.11 -30.84 6.61
CA ALA C 295 -16.46 -31.47 7.76
C ALA C 295 -15.69 -30.47 8.59
N GLY C 296 -14.67 -29.85 8.02
CA GLY C 296 -13.79 -28.99 8.80
C GLY C 296 -14.20 -27.53 8.83
N ILE C 297 -15.52 -27.28 8.79
CA ILE C 297 -16.06 -25.93 8.85
C ILE C 297 -16.94 -25.72 10.08
N ASP C 298 -17.70 -26.74 10.47
CA ASP C 298 -18.68 -26.63 11.57
C ASP C 298 -17.98 -26.33 12.89
N GLY C 299 -18.43 -25.28 13.56
CA GLY C 299 -17.87 -24.90 14.84
C GLY C 299 -18.13 -23.43 15.13
N GLU C 300 -17.56 -22.98 16.24
CA GLU C 300 -17.75 -21.62 16.70
C GLU C 300 -16.92 -20.65 15.86
N PHE C 301 -17.44 -19.45 15.69
CA PHE C 301 -16.73 -18.38 14.98
C PHE C 301 -17.09 -17.05 15.61
N LEU C 302 -16.10 -16.34 16.14
CA LEU C 302 -16.33 -15.01 16.64
C LEU C 302 -16.45 -14.04 15.47
N ILE C 303 -17.49 -13.23 15.47
CA ILE C 303 -17.78 -12.32 14.37
C ILE C 303 -16.83 -11.13 14.43
N ASP C 304 -16.05 -10.94 13.37
CA ASP C 304 -15.31 -9.69 13.23
C ASP C 304 -16.25 -8.52 13.04
N SER C 305 -16.94 -8.46 11.90
CA SER C 305 -17.64 -7.25 11.52
C SER C 305 -18.94 -7.59 10.80
N VAL C 306 -19.95 -6.77 11.02
CA VAL C 306 -21.24 -6.88 10.36
C VAL C 306 -21.47 -5.60 9.58
N GLU C 307 -21.83 -5.73 8.30
CA GLU C 307 -21.97 -4.58 7.42
C GLU C 307 -23.41 -4.49 6.92
N HIS C 308 -24.28 -3.84 7.70
CA HIS C 308 -25.66 -3.65 7.27
C HIS C 308 -25.73 -2.56 6.20
N THR C 309 -26.43 -2.85 5.10
CA THR C 309 -26.55 -1.90 4.00
C THR C 309 -27.99 -1.81 3.52
N TYR C 310 -28.38 -0.62 3.10
CA TYR C 310 -29.47 -0.45 2.15
C TYR C 310 -28.92 -0.28 0.74
N SER C 311 -29.82 -0.39 -0.23
CA SER C 311 -29.53 -0.23 -1.64
C SER C 311 -30.86 -0.12 -2.36
N SER C 312 -30.82 -0.18 -3.68
CA SER C 312 -32.03 -0.47 -4.45
C SER C 312 -32.34 -1.95 -4.51
N SER C 313 -31.45 -2.79 -3.97
CA SER C 313 -31.66 -4.24 -3.89
C SER C 313 -32.20 -4.69 -2.54
N GLY C 314 -31.75 -4.07 -1.45
CA GLY C 314 -32.26 -4.42 -0.14
C GLY C 314 -31.17 -4.45 0.92
N TRP C 315 -31.01 -5.59 1.58
CA TRP C 315 -29.98 -5.79 2.59
C TRP C 315 -28.90 -6.73 2.07
N THR C 316 -27.65 -6.39 2.37
CA THR C 316 -26.53 -7.32 2.22
C THR C 316 -25.72 -7.20 3.51
N THR C 317 -26.08 -7.97 4.53
CA THR C 317 -25.43 -7.88 5.83
C THR C 317 -24.22 -8.80 5.81
N VAL C 318 -23.11 -8.29 5.28
CA VAL C 318 -21.89 -9.06 5.14
C VAL C 318 -21.29 -9.27 6.53
N VAL C 319 -21.06 -10.53 6.89
CA VAL C 319 -20.56 -10.91 8.20
C VAL C 319 -19.20 -11.57 8.02
N GLN C 320 -18.15 -10.93 8.52
CA GLN C 320 -16.82 -11.52 8.56
C GLN C 320 -16.54 -12.04 9.96
N CYS C 321 -15.68 -13.05 10.04
CA CYS C 321 -15.42 -13.72 11.31
C CYS C 321 -13.95 -14.08 11.41
N ASN C 322 -13.58 -14.62 12.57
CA ASN C 322 -12.29 -15.23 12.79
C ASN C 322 -12.49 -16.61 13.40
N GLY C 323 -11.39 -17.36 13.47
CA GLY C 323 -11.42 -18.66 14.11
C GLY C 323 -11.57 -18.52 15.62
N GLY C 324 -12.75 -18.86 16.14
CA GLY C 324 -13.01 -18.72 17.55
C GLY C 324 -12.84 -20.01 18.32
N ARG C 325 -12.13 -20.97 17.70
CA ARG C 325 -11.75 -22.27 18.27
C ARG C 325 -12.95 -23.10 18.74
#